data_1PEU
#
_entry.id   1PEU
#
_cell.length_a   98.990
_cell.length_b   98.990
_cell.length_c   291.488
_cell.angle_alpha   90.00
_cell.angle_beta   90.00
_cell.angle_gamma   90.00
#
_symmetry.space_group_name_H-M   'P 43 21 2'
#
loop_
_entity.id
_entity.type
_entity.pdbx_description
1 polymer 'Ribonucleoside-diphosphate reductase 2 alpha chain'
2 non-polymer 'MAGNESIUM ION'
3 non-polymer "2'-DEOXYADENOSINE 5'-TRIPHOSPHATE"
4 water water
#
_entity_poly.entity_id   1
_entity_poly.type   'polypeptide(L)'
_entity_poly.pdbx_seq_one_letter_code
;MATTTPERVMQETMDYHALNAMLNLYDKAGHIQFDKDQQAIDAFFATHVRPHSVTFASQHERLGTLVREGYYDDAVLARY
DRAFVLRLFEHAHASGFRFQTFLGAWKFYTSYTLKTFDGKRYLEHFEDRVTMVALTLAQGDETLATQLTDEMLSGRFQPA
TPTFLNCGKQQRGELVSCFLLRIEDNMESIGRAVNSALQLSKRGGGVAFLLSNLREAGAPIKRIENQSSGVIPVMKMLED
AFSYANQLGARQGAGAVYLHAHHPDILRFLDTKRENADEKIRIKTLSLGVVIPDITFRLAKENAQMALFSPYDIQRRYGK
PFGDIAISERYDELIADPHVRKTYINARDFFQTLAEIQFESGYPYIMFEDTVNRANPIAGRINMSNLCSEILQVNSASRY
DDNLDYTHIGHDISCNLGSLNIAHVMDSPDIGRTVETAIRGLTAVSDMSHIRSVPSIAAGNAASHAIGLGQMNLHGYLAR
EGIAYGSPEALDFTNLYFYTITWHAVHTSMRLARERGKTFAGFAQSRYASGDYFTQYLQDDWQPKTAKVRALFARSGITL
PTREMWLKLRDDVMRYGIYNQNLQAVPPTGSISYINHATSSIHPIVAKIEIRKEGKTGRVYYPAPFMTNENLDMYQDAYD
IGPEKIIDTYAEATRHVDQGLSLTLFFPDTATTRDINKAQIYAWRKGIKSLYYIRLRQLALEGTEIEGCVSCAL
;
_entity_poly.pdbx_strand_id   A
#
loop_
_chem_comp.id
_chem_comp.type
_chem_comp.name
_chem_comp.formula
DTP non-polymer '2'-DEOXYADENOSINE 5'-TRIPHOSPHATE' 'C10 H16 N5 O12 P3'
MG non-polymer 'MAGNESIUM ION' 'Mg 2'
#
# COMPACT_ATOMS: atom_id res chain seq x y z
N ARG A 8 11.67 -37.67 -17.24
CA ARG A 8 11.79 -37.32 -18.70
C ARG A 8 11.02 -38.31 -19.60
N VAL A 9 11.43 -38.41 -20.87
CA VAL A 9 10.77 -39.30 -21.84
C VAL A 9 9.91 -40.37 -21.18
N MET A 10 8.60 -40.28 -21.37
CA MET A 10 7.66 -41.21 -20.72
C MET A 10 7.85 -41.20 -19.19
N GLN A 11 7.54 -40.07 -18.57
CA GLN A 11 7.66 -39.90 -17.13
C GLN A 11 6.34 -40.25 -16.42
N GLU A 12 6.32 -40.14 -15.09
CA GLU A 12 5.10 -40.40 -14.33
C GLU A 12 4.78 -39.24 -13.36
N THR A 13 3.72 -39.40 -12.57
CA THR A 13 3.21 -38.42 -11.60
C THR A 13 2.97 -37.00 -12.16
N MET A 14 1.77 -36.77 -12.64
CA MET A 14 1.47 -35.50 -13.26
C MET A 14 0.54 -34.65 -12.41
N ASP A 15 0.34 -35.05 -11.16
CA ASP A 15 -0.53 -34.27 -10.29
C ASP A 15 0.28 -33.27 -9.48
N TYR A 16 0.25 -32.03 -9.96
CA TYR A 16 1.07 -30.97 -9.42
C TYR A 16 0.35 -30.36 -8.28
N HIS A 17 -0.89 -30.79 -8.11
CA HIS A 17 -1.64 -30.37 -6.95
C HIS A 17 -1.20 -31.25 -5.82
N ALA A 18 -1.19 -32.55 -6.06
CA ALA A 18 -0.63 -33.48 -5.12
C ALA A 18 0.83 -33.08 -4.87
N LEU A 19 1.65 -33.11 -5.88
CA LEU A 19 3.00 -32.74 -5.57
C LEU A 19 2.96 -31.54 -4.64
N ASN A 20 2.15 -30.53 -4.93
CA ASN A 20 2.18 -29.32 -4.13
C ASN A 20 1.94 -29.69 -2.69
N ALA A 21 0.88 -30.47 -2.46
CA ALA A 21 0.50 -30.95 -1.15
C ALA A 21 1.68 -31.48 -0.35
N MET A 22 2.51 -32.31 -0.94
CA MET A 22 3.63 -32.86 -0.21
C MET A 22 4.35 -31.80 0.62
N LEU A 23 4.29 -30.55 0.18
CA LEU A 23 4.93 -29.48 0.92
C LEU A 23 4.37 -29.38 2.33
N ASN A 24 3.34 -30.16 2.62
CA ASN A 24 2.65 -30.05 3.90
C ASN A 24 2.78 -31.31 4.75
N LEU A 25 3.90 -31.99 4.58
CA LEU A 25 4.24 -33.17 5.32
C LEU A 25 5.55 -32.99 5.99
N TYR A 26 5.66 -33.54 7.18
CA TYR A 26 6.86 -33.42 7.95
C TYR A 26 7.37 -34.83 8.10
N ASP A 27 8.67 -35.04 7.96
CA ASP A 27 9.22 -36.38 8.12
C ASP A 27 9.62 -36.59 9.55
N LYS A 28 9.63 -37.85 9.96
CA LYS A 28 10.00 -38.20 11.31
C LYS A 28 11.03 -37.24 11.92
N ALA A 29 11.64 -36.35 11.12
CA ALA A 29 12.59 -35.41 11.69
C ALA A 29 12.24 -33.93 11.53
N GLY A 30 10.99 -33.65 11.17
CA GLY A 30 10.51 -32.28 11.04
C GLY A 30 11.16 -31.47 9.94
N HIS A 31 11.35 -32.11 8.80
CA HIS A 31 11.91 -31.50 7.63
C HIS A 31 10.82 -31.58 6.60
N ILE A 32 10.85 -30.65 5.67
CA ILE A 32 9.85 -30.58 4.62
C ILE A 32 10.50 -31.03 3.35
N GLN A 33 9.79 -31.75 2.50
CA GLN A 33 10.32 -32.08 1.18
C GLN A 33 10.17 -30.90 0.20
N PHE A 34 11.01 -29.89 0.34
CA PHE A 34 10.89 -28.76 -0.56
C PHE A 34 10.86 -29.17 -2.00
N ASP A 35 11.58 -30.22 -2.34
CA ASP A 35 11.66 -30.59 -3.74
C ASP A 35 10.31 -30.98 -4.31
N LYS A 36 9.45 -31.58 -3.51
CA LYS A 36 8.19 -31.96 -4.09
C LYS A 36 7.49 -30.76 -4.73
N ASP A 37 7.85 -29.56 -4.32
CA ASP A 37 7.19 -28.39 -4.88
C ASP A 37 7.67 -28.19 -6.29
N GLN A 38 8.99 -28.14 -6.41
CA GLN A 38 9.63 -27.96 -7.68
C GLN A 38 9.01 -28.94 -8.65
N GLN A 39 8.81 -30.16 -8.20
CA GLN A 39 8.20 -31.09 -9.10
C GLN A 39 6.84 -30.60 -9.53
N ALA A 40 6.06 -30.05 -8.62
CA ALA A 40 4.74 -29.58 -9.02
C ALA A 40 4.90 -28.57 -10.16
N ILE A 41 5.85 -27.67 -10.03
CA ILE A 41 6.03 -26.77 -11.15
C ILE A 41 6.17 -27.57 -12.44
N ASP A 42 7.26 -28.32 -12.54
CA ASP A 42 7.52 -29.07 -13.75
C ASP A 42 6.22 -29.73 -14.23
N ALA A 43 5.61 -30.52 -13.39
CA ALA A 43 4.34 -31.12 -13.78
C ALA A 43 3.36 -30.12 -14.30
N PHE A 44 3.33 -28.92 -13.70
CA PHE A 44 2.33 -27.92 -14.08
C PHE A 44 2.50 -27.62 -15.53
N PHE A 45 3.57 -26.91 -15.81
CA PHE A 45 3.87 -26.55 -17.16
C PHE A 45 3.64 -27.76 -18.01
N ALA A 46 4.34 -28.84 -17.69
CA ALA A 46 4.24 -30.06 -18.43
C ALA A 46 2.83 -30.47 -18.79
N THR A 47 1.92 -30.47 -17.83
CA THR A 47 0.61 -31.01 -18.13
C THR A 47 -0.49 -30.00 -18.34
N HIS A 48 -0.26 -28.73 -18.02
CA HIS A 48 -1.32 -27.72 -18.13
C HIS A 48 -0.92 -26.42 -18.79
N VAL A 49 0.18 -25.81 -18.38
CA VAL A 49 0.62 -24.61 -19.06
C VAL A 49 0.83 -24.86 -20.54
N ARG A 50 1.96 -25.44 -20.94
CA ARG A 50 2.21 -25.63 -22.39
C ARG A 50 0.99 -26.06 -23.26
N PRO A 51 0.41 -27.21 -22.99
CA PRO A 51 -0.69 -27.72 -23.80
C PRO A 51 -1.84 -26.77 -24.04
N HIS A 52 -1.89 -25.66 -23.30
CA HIS A 52 -3.01 -24.73 -23.39
C HIS A 52 -2.44 -23.37 -23.67
N SER A 53 -1.17 -23.33 -24.01
CA SER A 53 -0.56 -22.07 -24.34
C SER A 53 -0.45 -21.96 -25.84
N VAL A 54 -0.88 -20.84 -26.39
CA VAL A 54 -0.85 -20.68 -27.83
C VAL A 54 0.53 -20.34 -28.31
N THR A 55 0.93 -20.98 -29.38
CA THR A 55 2.25 -20.71 -29.94
C THR A 55 2.14 -20.19 -31.38
N PHE A 56 2.57 -18.95 -31.62
CA PHE A 56 2.53 -18.37 -32.98
C PHE A 56 3.80 -18.63 -33.81
N ALA A 57 3.71 -18.42 -35.12
CA ALA A 57 4.84 -18.62 -36.00
C ALA A 57 5.97 -17.69 -35.62
N SER A 58 5.67 -16.40 -35.55
CA SER A 58 6.66 -15.45 -35.08
C SER A 58 6.00 -14.43 -34.17
N GLN A 59 6.83 -13.64 -33.48
CA GLN A 59 6.32 -12.60 -32.61
C GLN A 59 5.44 -11.70 -33.40
N HIS A 60 5.99 -11.26 -34.53
CA HIS A 60 5.31 -10.41 -35.47
C HIS A 60 3.91 -10.94 -35.78
N GLU A 61 3.81 -12.15 -36.28
CA GLU A 61 2.46 -12.57 -36.59
C GLU A 61 1.62 -12.52 -35.33
N ARG A 62 2.20 -12.93 -34.20
CA ARG A 62 1.51 -12.88 -32.92
C ARG A 62 0.87 -11.54 -32.63
N LEU A 63 1.64 -10.47 -32.57
CA LEU A 63 0.98 -9.21 -32.27
C LEU A 63 -0.15 -8.99 -33.27
N GLY A 64 0.18 -9.07 -34.55
CA GLY A 64 -0.80 -8.82 -35.57
C GLY A 64 -2.11 -9.42 -35.12
N THR A 65 -2.09 -10.70 -34.83
CA THR A 65 -3.29 -11.35 -34.36
C THR A 65 -3.81 -10.67 -33.09
N LEU A 66 -3.02 -10.74 -32.03
CA LEU A 66 -3.45 -10.10 -30.82
C LEU A 66 -4.01 -8.69 -31.09
N VAL A 67 -3.41 -7.91 -31.97
CA VAL A 67 -4.08 -6.65 -32.19
C VAL A 67 -5.40 -6.91 -32.93
N ARG A 68 -5.29 -7.57 -34.05
CA ARG A 68 -6.43 -7.76 -34.90
C ARG A 68 -7.64 -8.23 -34.13
N GLU A 69 -7.52 -9.20 -33.23
CA GLU A 69 -8.74 -9.64 -32.54
C GLU A 69 -9.00 -8.86 -31.24
N GLY A 70 -8.35 -7.72 -31.11
CA GLY A 70 -8.61 -6.86 -29.98
C GLY A 70 -8.20 -7.34 -28.61
N TYR A 71 -7.06 -8.00 -28.51
CA TYR A 71 -6.50 -8.43 -27.24
C TYR A 71 -5.48 -7.40 -26.77
N TYR A 72 -4.44 -7.20 -27.54
CA TYR A 72 -3.45 -6.21 -27.14
C TYR A 72 -3.91 -4.88 -27.63
N ASP A 73 -3.33 -3.79 -27.15
CA ASP A 73 -3.72 -2.47 -27.57
C ASP A 73 -2.71 -1.88 -28.54
N ASP A 74 -3.14 -1.78 -29.79
CA ASP A 74 -2.25 -1.29 -30.80
C ASP A 74 -1.74 0.08 -30.45
N ALA A 75 -2.39 0.73 -29.52
CA ALA A 75 -1.97 2.09 -29.28
C ALA A 75 -0.61 2.15 -28.59
N VAL A 76 -0.27 1.09 -27.89
CA VAL A 76 0.96 1.12 -27.14
C VAL A 76 2.06 0.89 -28.09
N LEU A 77 1.94 -0.20 -28.85
CA LEU A 77 2.96 -0.57 -29.81
C LEU A 77 3.30 0.63 -30.74
N ALA A 78 2.28 1.39 -31.10
CA ALA A 78 2.45 2.48 -32.05
C ALA A 78 3.39 3.56 -31.62
N ARG A 79 4.08 3.39 -30.52
CA ARG A 79 4.99 4.45 -30.13
C ARG A 79 6.45 3.98 -30.25
N TYR A 80 6.66 2.81 -30.80
CA TYR A 80 8.02 2.36 -30.97
C TYR A 80 8.17 1.79 -32.38
N ASP A 81 9.38 1.65 -32.89
CA ASP A 81 9.50 0.99 -34.19
C ASP A 81 9.27 -0.51 -33.95
N ARG A 82 8.32 -1.09 -34.63
CA ARG A 82 8.03 -2.51 -34.47
C ARG A 82 9.23 -3.38 -34.21
N ALA A 83 10.36 -3.09 -34.85
CA ALA A 83 11.53 -3.94 -34.69
C ALA A 83 12.02 -3.93 -33.26
N PHE A 84 11.99 -2.77 -32.65
CA PHE A 84 12.35 -2.71 -31.26
C PHE A 84 11.28 -3.53 -30.52
N VAL A 85 10.00 -3.26 -30.72
CA VAL A 85 8.99 -4.13 -30.10
C VAL A 85 9.29 -5.60 -30.42
N LEU A 86 10.13 -5.89 -31.38
CA LEU A 86 10.41 -7.30 -31.58
C LEU A 86 11.69 -7.67 -30.86
N ARG A 87 12.60 -6.72 -30.79
CA ARG A 87 13.86 -7.01 -30.16
C ARG A 87 13.63 -7.33 -28.70
N LEU A 88 12.72 -6.58 -28.07
CA LEU A 88 12.48 -6.72 -26.65
C LEU A 88 11.78 -8.03 -26.39
N PHE A 89 10.66 -8.25 -27.05
CA PHE A 89 10.07 -9.53 -26.76
C PHE A 89 11.13 -10.60 -26.76
N GLU A 90 12.21 -10.37 -27.48
CA GLU A 90 13.24 -11.39 -27.57
C GLU A 90 14.21 -11.41 -26.37
N HIS A 91 14.81 -10.26 -26.10
CA HIS A 91 15.55 -10.03 -24.88
C HIS A 91 14.86 -10.71 -23.71
N ALA A 92 13.60 -10.38 -23.56
CA ALA A 92 12.80 -10.86 -22.46
C ALA A 92 12.84 -12.33 -22.44
N HIS A 93 12.42 -12.95 -23.53
CA HIS A 93 12.39 -14.39 -23.48
C HIS A 93 13.74 -15.04 -23.38
N ALA A 94 14.79 -14.25 -23.37
CA ALA A 94 16.08 -14.89 -23.32
C ALA A 94 16.75 -14.59 -22.03
N SER A 95 16.01 -14.11 -21.05
CA SER A 95 16.68 -13.71 -19.82
C SER A 95 16.71 -14.85 -18.83
N GLY A 96 16.08 -15.96 -19.23
CA GLY A 96 16.10 -17.17 -18.43
C GLY A 96 15.45 -16.99 -17.05
N PHE A 97 14.16 -16.73 -17.08
CA PHE A 97 13.39 -16.53 -15.89
C PHE A 97 12.65 -17.81 -15.70
N ARG A 98 12.67 -18.36 -14.50
CA ARG A 98 11.77 -19.48 -14.19
C ARG A 98 10.93 -18.98 -13.01
N PHE A 99 9.85 -19.66 -12.69
CA PHE A 99 9.09 -19.30 -11.51
C PHE A 99 9.76 -20.08 -10.41
N GLN A 100 9.75 -19.62 -9.18
CA GLN A 100 10.31 -20.46 -8.12
C GLN A 100 9.35 -21.30 -7.28
N THR A 101 8.05 -21.32 -7.57
CA THR A 101 7.11 -21.98 -6.69
C THR A 101 5.83 -22.44 -7.39
N PHE A 102 5.25 -23.57 -6.98
CA PHE A 102 4.10 -24.02 -7.71
C PHE A 102 2.89 -23.08 -7.70
N LEU A 103 3.00 -21.96 -7.01
CA LEU A 103 1.84 -21.10 -6.84
C LEU A 103 2.16 -19.83 -7.56
N GLY A 104 3.31 -19.25 -7.30
CA GLY A 104 3.73 -18.16 -8.17
C GLY A 104 3.39 -18.42 -9.70
N ALA A 105 3.70 -19.60 -10.21
CA ALA A 105 3.23 -19.98 -11.51
C ALA A 105 1.72 -20.02 -11.44
N TRP A 106 1.19 -20.94 -10.67
CA TRP A 106 -0.26 -21.13 -10.64
C TRP A 106 -1.05 -19.86 -10.50
N LYS A 107 -0.50 -18.94 -9.71
CA LYS A 107 -1.16 -17.68 -9.45
C LYS A 107 -1.24 -16.93 -10.72
N PHE A 108 -0.07 -16.62 -11.28
CA PHE A 108 0.02 -15.82 -12.49
C PHE A 108 -0.77 -16.32 -13.71
N TYR A 109 -0.90 -17.62 -13.91
CA TYR A 109 -1.71 -18.09 -15.02
C TYR A 109 -3.17 -18.24 -14.67
N THR A 110 -3.60 -18.09 -13.43
CA THR A 110 -5.02 -18.27 -13.24
C THR A 110 -5.62 -16.96 -12.98
N SER A 111 -4.77 -15.96 -12.79
CA SER A 111 -5.30 -14.65 -12.47
C SER A 111 -4.62 -13.50 -13.20
N TYR A 112 -3.51 -13.73 -13.87
CA TYR A 112 -2.83 -12.59 -14.50
C TYR A 112 -2.67 -12.69 -16.00
N THR A 113 -1.97 -13.72 -16.44
CA THR A 113 -1.72 -13.88 -17.84
C THR A 113 -2.98 -13.75 -18.64
N LEU A 114 -2.87 -13.17 -19.83
CA LEU A 114 -3.96 -12.96 -20.75
C LEU A 114 -4.46 -14.26 -21.30
N LYS A 115 -5.76 -14.47 -21.30
CA LYS A 115 -6.30 -15.70 -21.86
C LYS A 115 -7.20 -15.32 -23.01
N THR A 116 -7.63 -16.28 -23.80
CA THR A 116 -8.56 -15.98 -24.88
C THR A 116 -9.96 -15.72 -24.38
N PHE A 117 -10.59 -14.72 -24.95
CA PHE A 117 -11.93 -14.36 -24.58
C PHE A 117 -12.78 -15.51 -24.09
N ASP A 118 -12.66 -16.68 -24.69
CA ASP A 118 -13.50 -17.79 -24.31
C ASP A 118 -12.91 -18.55 -23.16
N GLY A 119 -11.85 -18.00 -22.58
CA GLY A 119 -11.21 -18.65 -21.46
C GLY A 119 -10.49 -19.98 -21.68
N LYS A 120 -10.37 -20.43 -22.92
CA LYS A 120 -9.78 -21.76 -23.12
C LYS A 120 -8.29 -21.85 -23.40
N ARG A 121 -7.59 -20.72 -23.59
CA ARG A 121 -6.17 -20.80 -23.97
C ARG A 121 -5.36 -19.62 -23.45
N TYR A 122 -4.13 -19.87 -23.05
CA TYR A 122 -3.29 -18.80 -22.56
C TYR A 122 -2.70 -18.06 -23.73
N LEU A 123 -2.49 -16.76 -23.65
CA LEU A 123 -1.97 -16.07 -24.80
C LEU A 123 -0.70 -15.38 -24.45
N GLU A 124 -0.43 -15.29 -23.16
CA GLU A 124 0.77 -14.63 -22.68
C GLU A 124 1.56 -15.55 -21.77
N HIS A 125 2.76 -15.14 -21.42
CA HIS A 125 3.59 -15.86 -20.47
C HIS A 125 4.17 -14.68 -19.75
N PHE A 126 4.80 -14.91 -18.61
CA PHE A 126 5.40 -13.81 -17.90
C PHE A 126 6.09 -12.73 -18.76
N GLU A 127 7.02 -13.15 -19.62
CA GLU A 127 7.85 -12.22 -20.37
C GLU A 127 6.97 -11.30 -21.17
N ASP A 128 6.04 -11.90 -21.89
CA ASP A 128 5.09 -11.11 -22.60
C ASP A 128 4.59 -10.03 -21.61
N ARG A 129 3.97 -10.49 -20.52
CA ARG A 129 3.39 -9.55 -19.59
C ARG A 129 4.42 -8.53 -19.14
N VAL A 130 5.61 -8.99 -18.79
CA VAL A 130 6.59 -8.05 -18.33
C VAL A 130 6.76 -6.99 -19.40
N THR A 131 6.88 -7.50 -20.63
CA THR A 131 7.15 -6.72 -21.84
C THR A 131 6.11 -5.64 -22.08
N MET A 132 4.87 -6.03 -22.32
CA MET A 132 3.85 -5.01 -22.52
C MET A 132 3.84 -4.03 -21.34
N VAL A 133 3.91 -4.51 -20.11
CA VAL A 133 3.97 -3.55 -19.03
C VAL A 133 5.07 -2.51 -19.30
N ALA A 134 6.27 -3.00 -19.58
CA ALA A 134 7.43 -2.16 -19.84
C ALA A 134 7.16 -1.21 -20.96
N LEU A 135 6.58 -1.77 -22.03
CA LEU A 135 6.34 -0.96 -23.18
C LEU A 135 5.40 0.12 -22.72
N THR A 136 4.25 -0.29 -22.21
CA THR A 136 3.27 0.67 -21.73
C THR A 136 3.90 1.79 -20.93
N LEU A 137 4.43 1.48 -19.76
CA LEU A 137 4.93 2.56 -18.92
C LEU A 137 5.95 3.40 -19.62
N ALA A 138 6.84 2.75 -20.36
CA ALA A 138 7.93 3.46 -21.01
C ALA A 138 7.45 4.58 -21.90
N GLN A 139 6.20 4.49 -22.31
CA GLN A 139 5.64 5.53 -23.15
C GLN A 139 6.50 5.83 -24.40
N GLY A 140 7.20 4.81 -24.86
CA GLY A 140 7.93 4.95 -26.11
C GLY A 140 9.37 5.31 -25.96
N ASP A 141 9.81 5.49 -24.73
CA ASP A 141 11.20 5.79 -24.51
C ASP A 141 11.85 4.44 -24.35
N GLU A 142 12.63 4.09 -25.37
CA GLU A 142 13.23 2.77 -25.51
C GLU A 142 14.20 2.31 -24.46
N THR A 143 15.07 3.18 -23.98
CA THR A 143 16.01 2.62 -23.04
C THR A 143 15.22 2.34 -21.77
N LEU A 144 14.45 3.31 -21.29
CA LEU A 144 13.54 3.05 -20.19
C LEU A 144 12.87 1.69 -20.42
N ALA A 145 11.98 1.61 -21.39
CA ALA A 145 11.32 0.34 -21.69
C ALA A 145 12.19 -0.89 -21.48
N THR A 146 13.44 -0.83 -21.91
CA THR A 146 14.33 -1.97 -21.74
C THR A 146 14.50 -2.23 -20.26
N GLN A 147 15.03 -1.24 -19.57
CA GLN A 147 15.25 -1.33 -18.14
C GLN A 147 14.01 -1.83 -17.37
N LEU A 148 12.83 -1.24 -17.56
CA LEU A 148 11.73 -1.74 -16.79
C LEU A 148 11.75 -3.22 -17.09
N THR A 149 11.90 -3.60 -18.34
CA THR A 149 11.93 -5.03 -18.58
C THR A 149 12.93 -5.70 -17.69
N ASP A 150 14.14 -5.19 -17.69
CA ASP A 150 15.15 -5.88 -16.93
C ASP A 150 14.78 -5.99 -15.46
N GLU A 151 14.60 -4.85 -14.81
CA GLU A 151 14.22 -4.82 -13.40
C GLU A 151 13.06 -5.79 -13.08
N MET A 152 11.99 -5.78 -13.86
CA MET A 152 10.92 -6.68 -13.52
C MET A 152 11.35 -8.14 -13.66
N LEU A 153 12.16 -8.44 -14.67
CA LEU A 153 12.53 -9.83 -14.94
C LEU A 153 13.48 -10.37 -13.90
N SER A 154 14.32 -9.49 -13.38
CA SER A 154 15.27 -9.90 -12.39
C SER A 154 14.58 -10.21 -11.08
N GLY A 155 13.46 -9.52 -10.82
CA GLY A 155 12.72 -9.67 -9.58
C GLY A 155 12.91 -8.41 -8.76
N ARG A 156 13.73 -7.51 -9.28
CA ARG A 156 13.94 -6.28 -8.56
C ARG A 156 12.68 -5.40 -8.39
N PHE A 157 11.78 -5.39 -9.39
CA PHE A 157 10.64 -4.48 -9.32
C PHE A 157 9.34 -5.21 -9.59
N GLN A 158 8.26 -4.68 -9.03
CA GLN A 158 7.01 -5.38 -9.08
C GLN A 158 5.98 -4.33 -8.92
N PRO A 159 5.45 -3.87 -10.01
CA PRO A 159 4.39 -2.87 -10.00
C PRO A 159 3.11 -3.40 -9.41
N ALA A 160 2.26 -2.49 -8.96
CA ALA A 160 1.00 -2.85 -8.35
C ALA A 160 0.10 -3.71 -9.23
N THR A 161 -0.73 -4.55 -8.62
CA THR A 161 -1.54 -5.49 -9.39
C THR A 161 -2.31 -4.87 -10.55
N PRO A 162 -3.17 -3.92 -10.27
CA PRO A 162 -3.89 -3.24 -11.33
C PRO A 162 -2.95 -3.00 -12.52
N THR A 163 -1.75 -2.45 -12.28
CA THR A 163 -0.83 -2.16 -13.38
C THR A 163 -0.36 -3.39 -14.10
N PHE A 164 0.34 -4.25 -13.40
CA PHE A 164 0.85 -5.46 -14.00
C PHE A 164 -0.22 -6.19 -14.76
N LEU A 165 -1.43 -6.08 -14.27
CA LEU A 165 -2.48 -6.88 -14.85
C LEU A 165 -3.05 -6.26 -16.09
N ASN A 166 -3.04 -4.95 -16.15
CA ASN A 166 -3.75 -4.34 -17.23
C ASN A 166 -2.94 -3.66 -18.26
N CYS A 167 -1.69 -3.36 -17.96
CA CYS A 167 -0.92 -2.63 -18.91
C CYS A 167 -0.92 -3.29 -20.24
N GLY A 168 -1.22 -2.47 -21.24
CA GLY A 168 -1.19 -2.92 -22.61
C GLY A 168 -2.34 -3.74 -23.12
N LYS A 169 -3.22 -4.27 -22.30
CA LYS A 169 -4.32 -5.04 -22.85
C LYS A 169 -5.37 -4.14 -23.49
N GLN A 170 -6.23 -4.70 -24.34
CA GLN A 170 -7.25 -3.85 -24.94
C GLN A 170 -8.43 -3.69 -23.98
N GLN A 171 -9.14 -4.79 -23.71
CA GLN A 171 -10.24 -4.79 -22.76
C GLN A 171 -9.57 -4.66 -21.41
N ARG A 172 -9.74 -3.53 -20.73
CA ARG A 172 -8.95 -3.37 -19.51
C ARG A 172 -9.52 -2.45 -18.46
N GLY A 173 -9.17 -2.73 -17.20
CA GLY A 173 -9.49 -1.84 -16.10
C GLY A 173 -8.50 -0.68 -16.13
N GLU A 174 -8.45 0.10 -15.05
CA GLU A 174 -7.51 1.23 -15.01
C GLU A 174 -6.20 0.78 -14.35
N LEU A 175 -5.17 1.61 -14.36
CA LEU A 175 -3.88 1.20 -13.79
C LEU A 175 -3.72 1.48 -12.29
N VAL A 176 -4.72 2.10 -11.66
CA VAL A 176 -4.65 2.50 -10.27
C VAL A 176 -5.83 1.91 -9.44
N SER A 177 -5.66 1.61 -8.15
CA SER A 177 -6.84 1.04 -7.45
C SER A 177 -7.28 1.41 -6.02
N CYS A 178 -6.45 2.05 -5.19
CA CYS A 178 -6.97 2.50 -3.90
C CYS A 178 -7.20 4.01 -4.06
N PHE A 179 -8.23 4.56 -3.41
CA PHE A 179 -8.57 5.98 -3.48
C PHE A 179 -9.02 6.57 -2.13
N LEU A 180 -8.71 7.84 -1.89
CA LEU A 180 -9.11 8.50 -0.64
C LEU A 180 -9.92 9.75 -0.89
N LEU A 181 -11.17 9.82 -0.49
CA LEU A 181 -11.92 11.05 -0.74
C LEU A 181 -12.27 11.71 0.54
N ARG A 182 -12.47 13.02 0.51
CA ARG A 182 -12.93 13.70 1.70
C ARG A 182 -14.40 14.16 1.51
N ILE A 183 -15.10 14.44 2.58
CA ILE A 183 -16.46 14.88 2.44
C ILE A 183 -16.62 16.18 3.18
N GLU A 184 -17.21 17.17 2.56
CA GLU A 184 -17.42 18.39 3.27
C GLU A 184 -18.75 18.23 3.94
N ASP A 185 -19.06 19.11 4.89
CA ASP A 185 -20.28 19.05 5.69
C ASP A 185 -21.51 19.64 5.00
N ASN A 186 -21.98 19.03 3.91
CA ASN A 186 -23.18 19.50 3.23
C ASN A 186 -23.68 18.53 2.15
N MET A 187 -24.99 18.52 1.90
CA MET A 187 -25.62 17.46 1.10
C MET A 187 -24.96 17.09 -0.20
N GLU A 188 -24.54 18.13 -0.91
CA GLU A 188 -23.84 17.99 -2.17
C GLU A 188 -22.59 17.16 -2.00
N SER A 189 -21.66 17.68 -1.21
CA SER A 189 -20.51 16.87 -0.94
C SER A 189 -20.90 15.41 -0.59
N ILE A 190 -22.01 15.22 0.11
CA ILE A 190 -22.41 13.87 0.47
C ILE A 190 -22.86 13.05 -0.74
N GLY A 191 -23.76 13.64 -1.51
CA GLY A 191 -24.22 13.00 -2.72
C GLY A 191 -23.01 12.71 -3.56
N ARG A 192 -22.08 13.68 -3.64
CA ARG A 192 -20.89 13.39 -4.42
C ARG A 192 -20.24 12.16 -3.84
N ALA A 193 -19.98 12.14 -2.54
CA ALA A 193 -19.39 10.95 -1.95
C ALA A 193 -20.12 9.67 -2.37
N VAL A 194 -21.39 9.54 -2.01
CA VAL A 194 -22.14 8.37 -2.37
C VAL A 194 -21.86 8.10 -3.84
N ASN A 195 -22.03 9.11 -4.72
CA ASN A 195 -21.76 8.88 -6.14
C ASN A 195 -20.37 8.34 -6.42
N SER A 196 -19.38 9.17 -6.14
CA SER A 196 -17.99 8.76 -6.26
C SER A 196 -17.76 7.33 -5.81
N ALA A 197 -18.36 6.95 -4.70
CA ALA A 197 -18.25 5.55 -4.32
C ALA A 197 -18.80 4.70 -5.47
N LEU A 198 -20.06 4.86 -5.79
CA LEU A 198 -20.55 4.09 -6.89
C LEU A 198 -19.56 4.02 -8.07
N GLN A 199 -19.21 5.16 -8.66
CA GLN A 199 -18.37 5.09 -9.85
C GLN A 199 -17.02 4.39 -9.68
N LEU A 200 -16.27 4.78 -8.66
CA LEU A 200 -15.00 4.16 -8.39
C LEU A 200 -15.17 2.65 -8.17
N SER A 201 -16.06 2.26 -7.28
CA SER A 201 -16.20 0.86 -6.95
C SER A 201 -16.54 0.04 -8.17
N LYS A 202 -17.49 0.49 -8.98
CA LYS A 202 -17.86 -0.29 -10.16
C LYS A 202 -16.65 -0.78 -10.92
N ARG A 203 -15.54 -0.08 -10.79
CA ARG A 203 -14.35 -0.47 -11.49
C ARG A 203 -13.31 -0.96 -10.52
N GLY A 204 -13.74 -1.62 -9.45
CA GLY A 204 -12.88 -2.28 -8.48
C GLY A 204 -12.02 -1.46 -7.54
N GLY A 205 -12.29 -0.18 -7.44
CA GLY A 205 -11.40 0.61 -6.62
C GLY A 205 -11.65 0.49 -5.14
N GLY A 206 -10.63 0.72 -4.34
CA GLY A 206 -10.83 0.80 -2.91
C GLY A 206 -10.99 2.27 -2.63
N VAL A 207 -11.98 2.63 -1.85
CA VAL A 207 -12.14 4.02 -1.57
C VAL A 207 -12.33 4.18 -0.11
N ALA A 208 -11.68 5.16 0.47
CA ALA A 208 -11.92 5.40 1.86
C ALA A 208 -12.42 6.82 1.95
N PHE A 209 -13.39 7.08 2.81
CA PHE A 209 -13.83 8.45 2.99
C PHE A 209 -13.48 9.00 4.38
N LEU A 210 -13.26 10.31 4.44
CA LEU A 210 -13.05 11.02 5.70
C LEU A 210 -14.41 11.48 6.25
N LEU A 211 -14.84 10.94 7.37
CA LEU A 211 -16.13 11.38 7.91
C LEU A 211 -16.00 12.60 8.82
N SER A 212 -14.80 12.76 9.40
CA SER A 212 -14.53 13.74 10.45
C SER A 212 -15.10 15.14 10.34
N ASN A 213 -15.39 15.65 9.16
CA ASN A 213 -15.98 16.99 9.09
C ASN A 213 -17.47 17.01 9.29
N LEU A 214 -18.15 15.89 9.19
CA LEU A 214 -19.59 15.91 9.28
C LEU A 214 -20.14 16.39 10.65
N ARG A 215 -21.20 17.19 10.62
CA ARG A 215 -21.78 17.66 11.88
C ARG A 215 -22.34 16.49 12.75
N GLU A 216 -22.01 16.52 14.04
CA GLU A 216 -22.34 15.44 14.96
C GLU A 216 -23.80 15.11 15.12
N ALA A 217 -24.06 13.89 15.56
CA ALA A 217 -25.43 13.51 15.81
C ALA A 217 -25.99 14.55 16.79
N GLY A 218 -27.09 15.18 16.44
CA GLY A 218 -27.71 16.09 17.37
C GLY A 218 -27.37 17.54 17.13
N ALA A 219 -26.70 17.79 16.02
CA ALA A 219 -26.36 19.14 15.73
C ALA A 219 -27.52 19.81 15.02
N PRO A 220 -27.40 21.09 14.79
CA PRO A 220 -28.46 21.85 14.13
C PRO A 220 -28.38 21.78 12.62
N ILE A 221 -29.45 22.26 11.97
CA ILE A 221 -29.57 22.38 10.52
C ILE A 221 -30.49 23.55 10.31
N LYS A 222 -30.09 24.47 9.45
CA LYS A 222 -30.91 25.64 9.20
C LYS A 222 -31.33 26.25 10.51
N ARG A 223 -30.39 26.28 11.44
CA ARG A 223 -30.56 26.92 12.73
C ARG A 223 -31.59 26.35 13.71
N ILE A 224 -32.17 25.20 13.43
CA ILE A 224 -33.11 24.72 14.41
C ILE A 224 -32.62 23.49 15.17
N GLU A 225 -32.33 23.71 16.44
CA GLU A 225 -31.75 22.74 17.37
C GLU A 225 -32.07 21.27 17.12
N ASN A 226 -31.17 20.42 17.59
CA ASN A 226 -31.33 18.96 17.58
C ASN A 226 -31.83 18.36 16.28
N GLN A 227 -31.01 18.31 15.26
CA GLN A 227 -31.54 17.87 13.99
C GLN A 227 -30.61 17.03 13.12
N SER A 228 -29.35 17.39 13.06
CA SER A 228 -28.42 16.61 12.29
C SER A 228 -28.53 15.22 12.84
N SER A 229 -28.40 14.19 12.00
CA SER A 229 -28.51 12.81 12.49
C SER A 229 -27.20 12.03 12.54
N GLY A 230 -26.09 12.75 12.52
CA GLY A 230 -24.78 12.13 12.59
C GLY A 230 -24.24 11.54 11.30
N VAL A 231 -23.28 10.65 11.46
CA VAL A 231 -22.57 10.04 10.32
C VAL A 231 -23.11 8.66 9.91
N ILE A 232 -23.62 7.93 10.88
CA ILE A 232 -24.07 6.58 10.63
C ILE A 232 -24.98 6.42 9.38
N PRO A 233 -25.95 7.30 9.16
CA PRO A 233 -26.83 7.05 8.04
C PRO A 233 -26.03 7.27 6.76
N VAL A 234 -24.90 7.95 6.90
CA VAL A 234 -24.00 8.16 5.76
C VAL A 234 -23.10 6.93 5.57
N MET A 235 -22.62 6.34 6.65
CA MET A 235 -21.92 5.09 6.47
C MET A 235 -22.92 4.15 5.74
N LYS A 236 -24.13 4.07 6.27
CA LYS A 236 -25.16 3.24 5.69
C LYS A 236 -25.19 3.38 4.17
N MET A 237 -25.14 4.61 3.70
CA MET A 237 -25.23 4.79 2.26
C MET A 237 -23.97 4.24 1.64
N LEU A 238 -22.83 4.77 2.03
CA LEU A 238 -21.62 4.29 1.44
C LEU A 238 -21.68 2.79 1.48
N GLU A 239 -22.01 2.26 2.64
CA GLU A 239 -22.09 0.83 2.76
C GLU A 239 -22.88 0.27 1.62
N ASP A 240 -24.12 0.66 1.46
CA ASP A 240 -24.92 0.03 0.42
C ASP A 240 -24.35 0.27 -0.95
N ALA A 241 -23.73 1.42 -1.17
CA ALA A 241 -23.09 1.71 -2.44
C ALA A 241 -22.07 0.67 -2.75
N PHE A 242 -21.16 0.46 -1.82
CA PHE A 242 -20.13 -0.51 -2.04
C PHE A 242 -20.68 -1.87 -2.27
N SER A 243 -21.65 -2.24 -1.49
CA SER A 243 -22.16 -3.56 -1.66
C SER A 243 -22.80 -3.69 -3.02
N TYR A 244 -23.32 -2.62 -3.58
CA TYR A 244 -23.98 -2.72 -4.87
C TYR A 244 -22.99 -2.74 -6.02
N ALA A 245 -22.07 -1.80 -6.02
CA ALA A 245 -21.16 -1.70 -7.12
C ALA A 245 -19.85 -2.39 -6.87
N ASN A 246 -19.92 -3.69 -6.64
CA ASN A 246 -18.74 -4.50 -6.54
C ASN A 246 -18.12 -4.55 -7.92
N GLN A 247 -16.89 -5.05 -8.00
CA GLN A 247 -16.24 -5.30 -9.29
C GLN A 247 -16.73 -6.59 -9.96
N LEU A 248 -16.52 -6.69 -11.27
CA LEU A 248 -16.94 -7.88 -11.99
C LEU A 248 -16.19 -9.13 -11.52
N GLY A 249 -16.93 -10.14 -11.11
CA GLY A 249 -16.30 -11.34 -10.59
C GLY A 249 -16.07 -11.30 -9.08
N ALA A 250 -16.86 -10.50 -8.40
CA ALA A 250 -16.75 -10.36 -6.95
C ALA A 250 -18.07 -9.85 -6.42
N ARG A 251 -18.34 -10.23 -5.19
CA ARG A 251 -19.44 -9.69 -4.42
C ARG A 251 -18.71 -8.85 -3.38
N GLN A 252 -19.35 -7.82 -2.85
CA GLN A 252 -18.64 -7.00 -1.86
C GLN A 252 -17.59 -6.07 -2.46
N GLY A 253 -17.84 -4.78 -2.41
CA GLY A 253 -16.83 -3.82 -2.79
C GLY A 253 -15.96 -3.62 -1.56
N ALA A 254 -15.13 -2.61 -1.57
CA ALA A 254 -14.25 -2.41 -0.45
C ALA A 254 -14.23 -0.94 -0.13
N GLY A 255 -14.89 -0.60 0.97
CA GLY A 255 -14.93 0.77 1.43
C GLY A 255 -14.32 0.88 2.80
N ALA A 256 -14.03 2.11 3.20
CA ALA A 256 -13.42 2.37 4.47
C ALA A 256 -13.78 3.78 4.87
N VAL A 257 -13.91 4.02 6.15
CA VAL A 257 -14.17 5.38 6.60
C VAL A 257 -13.24 5.66 7.75
N TYR A 258 -12.81 6.90 7.90
CA TYR A 258 -11.99 7.26 9.02
C TYR A 258 -12.69 8.34 9.79
N LEU A 259 -12.64 8.31 11.10
CA LEU A 259 -13.23 9.36 11.88
C LEU A 259 -12.21 9.77 12.92
N HIS A 260 -12.06 11.07 13.14
CA HIS A 260 -11.14 11.59 14.18
C HIS A 260 -11.64 11.18 15.56
N ALA A 261 -10.73 10.75 16.41
CA ALA A 261 -11.14 10.25 17.71
C ALA A 261 -11.82 11.28 18.62
N HIS A 262 -11.48 12.55 18.49
CA HIS A 262 -12.13 13.54 19.30
C HIS A 262 -13.38 14.11 18.65
N HIS A 263 -14.20 13.26 18.05
CA HIS A 263 -15.35 13.77 17.34
C HIS A 263 -16.54 13.14 17.96
N PRO A 264 -17.50 13.97 18.25
CA PRO A 264 -18.67 13.61 19.05
C PRO A 264 -19.32 12.29 18.73
N ASP A 265 -19.26 11.82 17.48
CA ASP A 265 -19.91 10.55 17.11
C ASP A 265 -19.00 9.32 17.27
N ILE A 266 -17.80 9.53 17.80
CA ILE A 266 -16.80 8.48 17.83
C ILE A 266 -17.26 7.18 18.44
N LEU A 267 -18.16 7.27 19.40
CA LEU A 267 -18.61 6.07 20.07
C LEU A 267 -19.69 5.44 19.25
N ARG A 268 -20.59 6.24 18.70
CA ARG A 268 -21.63 5.64 17.90
C ARG A 268 -20.88 5.01 16.74
N PHE A 269 -19.76 5.63 16.42
CA PHE A 269 -18.93 5.18 15.32
C PHE A 269 -18.37 3.81 15.53
N LEU A 270 -17.59 3.63 16.57
CA LEU A 270 -17.07 2.31 16.86
C LEU A 270 -18.23 1.34 17.00
N ASP A 271 -19.38 1.86 17.36
CA ASP A 271 -20.44 0.96 17.75
C ASP A 271 -21.06 0.20 16.62
N THR A 272 -20.72 0.55 15.40
CA THR A 272 -21.30 -0.11 14.28
C THR A 272 -20.58 -1.40 14.10
N LYS A 273 -19.62 -1.70 14.96
CA LYS A 273 -18.91 -2.95 14.81
C LYS A 273 -19.15 -3.95 15.92
N ARG A 274 -19.73 -3.52 17.04
CA ARG A 274 -20.01 -4.43 18.14
C ARG A 274 -21.18 -5.34 17.78
N GLU A 275 -20.89 -6.60 17.44
CA GLU A 275 -21.88 -7.61 17.00
C GLU A 275 -23.23 -7.69 17.74
N ASN A 276 -23.21 -7.71 19.07
CA ASN A 276 -24.45 -7.70 19.82
C ASN A 276 -24.97 -6.27 19.76
N ALA A 277 -25.74 -6.00 18.71
CA ALA A 277 -26.22 -4.64 18.45
C ALA A 277 -27.67 -4.56 18.02
N ASP A 278 -27.97 -3.44 17.38
CA ASP A 278 -29.30 -3.17 16.87
C ASP A 278 -29.23 -3.31 15.35
N GLU A 279 -30.37 -3.16 14.68
CA GLU A 279 -30.41 -3.14 13.23
C GLU A 279 -30.43 -1.67 12.73
N LYS A 280 -30.21 -1.46 11.42
CA LYS A 280 -30.15 -0.12 10.78
C LYS A 280 -28.91 0.71 11.21
N ILE A 281 -28.24 0.19 12.23
CA ILE A 281 -27.06 0.79 12.84
C ILE A 281 -25.89 -0.20 12.73
N ARG A 282 -26.03 -1.17 11.83
CA ARG A 282 -25.06 -2.24 11.71
C ARG A 282 -24.36 -2.22 10.36
N ILE A 283 -23.08 -1.88 10.37
CA ILE A 283 -22.31 -1.78 9.14
C ILE A 283 -21.46 -3.02 8.89
N LYS A 284 -21.83 -3.83 7.90
CA LYS A 284 -21.14 -5.10 7.70
C LYS A 284 -20.03 -5.12 6.66
N THR A 285 -19.84 -4.07 5.89
CA THR A 285 -18.75 -4.17 4.93
C THR A 285 -17.91 -2.93 4.77
N LEU A 286 -18.00 -1.99 5.70
CA LEU A 286 -17.11 -0.85 5.63
C LEU A 286 -15.95 -1.12 6.56
N SER A 287 -14.79 -0.64 6.20
CA SER A 287 -13.70 -0.72 7.12
C SER A 287 -13.65 0.54 7.95
N LEU A 288 -13.29 0.40 9.21
CA LEU A 288 -13.19 1.56 10.07
C LEU A 288 -11.76 2.00 10.33
N GLY A 289 -11.54 3.30 10.44
CA GLY A 289 -10.22 3.78 10.82
C GLY A 289 -10.34 4.92 11.82
N VAL A 290 -9.50 4.97 12.85
CA VAL A 290 -9.62 6.10 13.76
C VAL A 290 -8.38 6.94 13.77
N VAL A 291 -8.53 8.25 13.82
CA VAL A 291 -7.35 9.09 13.89
C VAL A 291 -7.15 9.51 15.32
N ILE A 292 -5.95 9.35 15.86
CA ILE A 292 -5.77 9.69 17.25
C ILE A 292 -4.62 10.58 17.45
N PRO A 293 -4.84 11.75 18.06
CA PRO A 293 -3.76 12.71 18.28
C PRO A 293 -3.11 12.35 19.60
N ASP A 294 -1.95 12.95 19.93
CA ASP A 294 -1.21 12.60 21.16
C ASP A 294 -1.96 12.82 22.49
N ILE A 295 -2.43 14.04 22.68
CA ILE A 295 -3.19 14.35 23.86
C ILE A 295 -4.01 13.13 24.25
N THR A 296 -4.76 12.58 23.32
CA THR A 296 -5.58 11.47 23.71
C THR A 296 -4.81 10.48 24.54
N PHE A 297 -3.51 10.36 24.35
CA PHE A 297 -2.76 9.38 25.12
C PHE A 297 -2.50 10.02 26.45
N ARG A 298 -2.02 11.26 26.38
CA ARG A 298 -1.77 12.05 27.57
C ARG A 298 -3.00 11.94 28.46
N LEU A 299 -4.19 12.14 27.88
CA LEU A 299 -5.41 12.01 28.63
C LEU A 299 -5.51 10.68 29.29
N ALA A 300 -5.72 9.64 28.49
CA ALA A 300 -5.87 8.29 29.02
C ALA A 300 -4.80 7.95 30.04
N LYS A 301 -3.65 8.59 29.94
CA LYS A 301 -2.58 8.23 30.85
C LYS A 301 -2.93 8.62 32.26
N GLU A 302 -3.34 9.87 32.44
CA GLU A 302 -3.69 10.34 33.75
C GLU A 302 -5.18 10.08 33.96
N ASN A 303 -5.67 8.98 33.41
CA ASN A 303 -7.09 8.63 33.48
C ASN A 303 -8.01 9.83 33.50
N ALA A 304 -7.89 10.71 32.52
CA ALA A 304 -8.70 11.92 32.48
C ALA A 304 -9.97 11.72 31.68
N GLN A 305 -10.45 12.85 31.15
CA GLN A 305 -11.67 12.87 30.35
C GLN A 305 -11.34 13.38 28.94
N MET A 306 -11.81 12.68 27.91
CA MET A 306 -11.57 13.17 26.56
C MET A 306 -12.66 14.16 26.25
N ALA A 307 -12.31 15.30 25.68
CA ALA A 307 -13.37 16.20 25.30
C ALA A 307 -13.65 16.14 23.79
N LEU A 308 -14.90 15.88 23.41
CA LEU A 308 -15.26 15.82 22.00
C LEU A 308 -15.87 17.13 21.58
N PHE A 309 -15.30 17.78 20.58
CA PHE A 309 -15.75 19.08 20.10
C PHE A 309 -16.70 19.05 18.91
N SER A 310 -17.64 19.98 18.84
CA SER A 310 -18.56 19.96 17.71
C SER A 310 -17.94 20.53 16.45
N PRO A 311 -17.95 19.72 15.41
CA PRO A 311 -17.53 20.16 14.09
C PRO A 311 -18.46 21.29 13.70
N TYR A 312 -19.73 21.17 14.04
CA TYR A 312 -20.66 22.22 13.69
C TYR A 312 -20.09 23.48 14.22
N ASP A 313 -19.97 23.54 15.53
CA ASP A 313 -19.47 24.75 16.15
C ASP A 313 -18.11 25.15 15.57
N ILE A 314 -17.15 24.23 15.59
CA ILE A 314 -15.83 24.61 15.09
C ILE A 314 -15.91 25.42 13.81
N GLN A 315 -16.66 24.92 12.85
CA GLN A 315 -16.75 25.53 11.54
C GLN A 315 -17.20 26.98 11.70
N ARG A 316 -18.29 27.14 12.44
CA ARG A 316 -18.85 28.46 12.70
C ARG A 316 -17.82 29.39 13.31
N ARG A 317 -17.11 28.93 14.33
CA ARG A 317 -16.18 29.81 15.01
C ARG A 317 -14.79 29.92 14.41
N TYR A 318 -14.33 28.96 13.63
CA TYR A 318 -12.96 29.05 13.12
C TYR A 318 -12.78 29.16 11.61
N GLY A 319 -13.86 29.06 10.87
CA GLY A 319 -13.81 29.19 9.42
C GLY A 319 -13.11 28.04 8.77
N LYS A 320 -13.01 26.92 9.48
CA LYS A 320 -12.40 25.70 8.96
C LYS A 320 -13.22 24.53 9.46
N PRO A 321 -13.08 23.38 8.84
CA PRO A 321 -13.80 22.19 9.24
C PRO A 321 -12.98 21.35 10.19
N PHE A 322 -13.66 20.73 11.13
CA PHE A 322 -13.01 19.88 12.09
C PHE A 322 -11.85 19.16 11.48
N GLY A 323 -12.13 18.55 10.34
CA GLY A 323 -11.10 17.80 9.63
C GLY A 323 -9.82 18.57 9.33
N ASP A 324 -9.84 19.88 9.50
CA ASP A 324 -8.66 20.62 9.15
C ASP A 324 -7.87 21.26 10.28
N ILE A 325 -8.45 21.41 11.47
CA ILE A 325 -7.68 22.07 12.52
C ILE A 325 -6.77 21.15 13.28
N ALA A 326 -5.90 21.72 14.08
CA ALA A 326 -5.00 20.87 14.83
C ALA A 326 -5.59 20.69 16.19
N ILE A 327 -6.16 19.53 16.43
CA ILE A 327 -6.73 19.28 17.73
C ILE A 327 -5.68 19.41 18.81
N SER A 328 -4.62 18.62 18.72
CA SER A 328 -3.61 18.69 19.75
C SER A 328 -3.32 20.14 20.13
N GLU A 329 -2.79 20.93 19.20
CA GLU A 329 -2.43 22.32 19.45
C GLU A 329 -3.59 23.19 19.90
N ARG A 330 -4.82 22.75 19.72
CA ARG A 330 -5.92 23.61 20.11
C ARG A 330 -6.82 22.99 21.18
N TYR A 331 -6.36 21.91 21.81
CA TYR A 331 -7.20 21.24 22.79
C TYR A 331 -7.64 22.24 23.85
N ASP A 332 -6.68 22.80 24.58
CA ASP A 332 -7.02 23.74 25.64
C ASP A 332 -7.79 24.94 25.09
N GLU A 333 -7.23 25.58 24.06
CA GLU A 333 -7.92 26.73 23.49
C GLU A 333 -9.36 26.34 23.31
N LEU A 334 -9.59 25.15 22.78
CA LEU A 334 -10.94 24.75 22.47
C LEU A 334 -11.78 24.56 23.70
N ILE A 335 -11.23 23.96 24.74
CA ILE A 335 -12.07 23.77 25.89
C ILE A 335 -12.42 25.10 26.55
N ALA A 336 -11.67 26.12 26.20
CA ALA A 336 -11.95 27.43 26.75
C ALA A 336 -13.06 28.12 26.00
N ASP A 337 -13.13 27.93 24.68
CA ASP A 337 -14.13 28.61 23.85
C ASP A 337 -15.56 28.10 24.04
N PRO A 338 -16.36 28.84 24.80
CA PRO A 338 -17.72 28.41 25.19
C PRO A 338 -18.65 28.38 24.00
N HIS A 339 -18.15 28.90 22.89
CA HIS A 339 -18.89 28.90 21.64
C HIS A 339 -18.68 27.57 20.91
N VAL A 340 -17.95 26.66 21.56
CA VAL A 340 -17.69 25.36 20.98
C VAL A 340 -18.15 24.33 21.97
N ARG A 341 -19.23 23.66 21.63
CA ARG A 341 -19.81 22.67 22.52
C ARG A 341 -18.85 21.52 22.79
N LYS A 342 -18.93 20.91 23.97
CA LYS A 342 -18.04 19.81 24.31
C LYS A 342 -18.78 18.66 24.91
N THR A 343 -18.38 17.44 24.59
CA THR A 343 -18.97 16.33 25.28
C THR A 343 -17.79 15.66 25.93
N TYR A 344 -18.01 14.74 26.86
CA TYR A 344 -16.87 14.14 27.50
C TYR A 344 -16.97 12.64 27.62
N ILE A 345 -15.85 11.97 27.37
CA ILE A 345 -15.82 10.52 27.55
C ILE A 345 -14.50 10.12 28.15
N ASN A 346 -14.51 8.95 28.77
CA ASN A 346 -13.35 8.45 29.45
C ASN A 346 -12.34 7.81 28.51
N ALA A 347 -11.29 8.58 28.21
CA ALA A 347 -10.22 8.12 27.36
C ALA A 347 -9.93 6.67 27.62
N ARG A 348 -9.55 6.34 28.83
CA ARG A 348 -9.25 4.95 29.12
C ARG A 348 -10.35 4.06 28.56
N ASP A 349 -11.59 4.35 28.88
CA ASP A 349 -12.66 3.49 28.38
C ASP A 349 -12.71 3.47 26.85
N PHE A 350 -12.28 4.57 26.25
CA PHE A 350 -12.19 4.69 24.78
C PHE A 350 -11.23 3.64 24.21
N PHE A 351 -9.93 3.75 24.55
CA PHE A 351 -8.95 2.77 24.08
C PHE A 351 -9.38 1.36 24.40
N GLN A 352 -10.15 1.24 25.47
CA GLN A 352 -10.67 -0.04 25.92
C GLN A 352 -11.59 -0.52 24.83
N THR A 353 -12.55 0.33 24.49
CA THR A 353 -13.50 -0.05 23.47
C THR A 353 -12.75 -0.41 22.19
N LEU A 354 -11.84 0.48 21.81
CA LEU A 354 -11.05 0.29 20.60
C LEU A 354 -10.58 -1.14 20.49
N ALA A 355 -9.77 -1.53 21.47
CA ALA A 355 -9.13 -2.84 21.49
C ALA A 355 -10.08 -4.03 21.41
N GLU A 356 -11.23 -3.93 22.10
CA GLU A 356 -12.19 -5.04 22.08
C GLU A 356 -12.67 -5.27 20.67
N ILE A 357 -12.94 -4.19 19.96
CA ILE A 357 -13.37 -4.30 18.60
C ILE A 357 -12.27 -4.95 17.77
N GLN A 358 -11.04 -4.41 17.91
CA GLN A 358 -9.91 -4.93 17.15
C GLN A 358 -9.80 -6.41 17.39
N PHE A 359 -9.96 -6.80 18.65
CA PHE A 359 -9.89 -8.18 19.04
C PHE A 359 -10.94 -9.02 18.29
N GLU A 360 -12.19 -8.60 18.32
CA GLU A 360 -13.24 -9.40 17.71
C GLU A 360 -13.32 -9.25 16.17
N SER A 361 -12.74 -8.20 15.59
CA SER A 361 -12.87 -7.99 14.13
C SER A 361 -11.68 -7.35 13.41
N GLY A 362 -10.54 -7.31 14.05
CA GLY A 362 -9.36 -6.83 13.38
C GLY A 362 -9.23 -5.35 13.20
N TYR A 363 -10.31 -4.55 13.23
CA TYR A 363 -10.11 -3.14 12.96
C TYR A 363 -10.03 -1.99 13.92
N PRO A 364 -10.75 -0.95 13.67
CA PRO A 364 -10.28 0.42 13.73
C PRO A 364 -8.78 0.50 13.30
N TYR A 365 -8.52 0.90 12.06
CA TYR A 365 -7.15 1.24 11.73
C TYR A 365 -6.81 2.44 12.61
N ILE A 366 -5.54 2.64 12.85
CA ILE A 366 -5.23 3.75 13.68
C ILE A 366 -4.26 4.60 12.93
N MET A 367 -4.50 5.92 12.85
CA MET A 367 -3.51 6.79 12.23
C MET A 367 -3.11 7.82 13.25
N PHE A 368 -1.85 7.74 13.68
CA PHE A 368 -1.36 8.64 14.70
C PHE A 368 -1.22 10.07 14.20
N GLU A 369 -2.34 10.69 13.94
CA GLU A 369 -2.37 12.08 13.49
C GLU A 369 -1.08 12.85 13.80
N ASP A 370 -0.72 12.96 15.06
CA ASP A 370 0.41 13.81 15.37
C ASP A 370 1.73 13.34 14.79
N THR A 371 2.12 12.12 15.11
CA THR A 371 3.36 11.65 14.54
C THR A 371 3.36 12.06 13.07
N VAL A 372 2.29 11.68 12.38
CA VAL A 372 2.15 11.90 10.94
C VAL A 372 2.37 13.33 10.48
N ASN A 373 1.47 14.22 10.87
CA ASN A 373 1.59 15.59 10.41
C ASN A 373 2.95 16.14 10.71
N ARG A 374 3.51 15.75 11.85
CA ARG A 374 4.79 16.29 12.31
C ARG A 374 5.95 15.87 11.42
N ALA A 375 5.93 14.63 10.93
CA ALA A 375 6.97 14.17 10.01
C ALA A 375 6.66 14.58 8.58
N ASN A 376 5.45 15.05 8.32
CA ASN A 376 5.06 15.38 6.97
C ASN A 376 5.69 16.64 6.35
N PRO A 377 6.54 16.42 5.38
CA PRO A 377 7.27 17.48 4.69
C PRO A 377 6.40 18.36 3.85
N ILE A 378 5.13 18.03 3.72
CA ILE A 378 4.31 18.79 2.79
C ILE A 378 3.36 19.73 3.41
N ALA A 379 3.16 20.88 2.77
CA ALA A 379 2.29 21.92 3.32
C ALA A 379 0.87 21.42 3.52
N GLY A 380 0.27 21.78 4.65
CA GLY A 380 -1.10 21.34 4.94
C GLY A 380 -1.08 20.20 5.93
N ARG A 381 -2.27 19.83 6.44
CA ARG A 381 -2.36 18.74 7.38
C ARG A 381 -2.82 17.46 6.69
N ILE A 382 -2.61 16.34 7.34
CA ILE A 382 -3.04 15.07 6.79
C ILE A 382 -4.11 14.50 7.69
N ASN A 383 -5.30 14.28 7.17
CA ASN A 383 -6.38 13.90 8.05
C ASN A 383 -7.06 12.58 7.82
N MET A 384 -6.49 11.67 7.04
CA MET A 384 -7.16 10.41 6.81
C MET A 384 -6.26 9.35 6.17
N SER A 385 -6.74 8.14 6.02
CA SER A 385 -5.85 7.24 5.33
C SER A 385 -6.51 6.20 4.47
N ASN A 386 -5.70 5.37 3.85
CA ASN A 386 -6.25 4.43 2.91
C ASN A 386 -6.77 3.19 3.56
N LEU A 387 -7.43 2.39 2.76
CA LEU A 387 -8.03 1.18 3.24
C LEU A 387 -6.96 0.21 3.76
N CYS A 388 -5.69 0.52 3.48
CA CYS A 388 -4.55 -0.29 3.96
C CYS A 388 -3.66 0.51 4.92
N SER A 389 -4.10 1.71 5.24
CA SER A 389 -3.46 2.56 6.21
C SER A 389 -2.04 2.92 5.90
N GLU A 390 -1.63 2.88 4.64
CA GLU A 390 -0.24 3.23 4.34
C GLU A 390 -0.02 4.50 3.53
N ILE A 391 -1.06 4.97 2.86
CA ILE A 391 -0.96 6.21 2.13
C ILE A 391 -1.22 7.24 3.17
N LEU A 392 -0.62 8.43 3.03
CA LEU A 392 -0.78 9.55 3.97
C LEU A 392 -0.42 10.83 3.23
N GLN A 393 -1.39 11.65 2.83
CA GLN A 393 -1.01 12.82 2.05
C GLN A 393 -1.97 13.95 2.27
N VAL A 394 -1.53 15.18 2.11
CA VAL A 394 -2.46 16.31 2.24
C VAL A 394 -3.57 16.21 1.23
N ASN A 395 -4.72 16.75 1.54
CA ASN A 395 -5.82 16.75 0.59
C ASN A 395 -6.47 18.10 0.72
N SER A 396 -7.47 18.43 -0.08
CA SER A 396 -8.08 19.75 0.08
C SER A 396 -9.56 19.81 -0.35
N ALA A 397 -10.35 20.64 0.31
CA ALA A 397 -11.79 20.62 0.03
C ALA A 397 -12.23 21.05 -1.38
N SER A 398 -13.32 20.44 -1.82
CA SER A 398 -13.90 20.69 -3.13
C SER A 398 -15.29 21.38 -2.97
N ARG A 399 -15.71 22.24 -3.90
CA ARG A 399 -16.94 22.97 -3.68
C ARG A 399 -17.96 22.79 -4.79
N TYR A 400 -19.23 22.75 -4.43
CA TYR A 400 -20.18 22.51 -5.48
C TYR A 400 -21.18 23.57 -5.71
N ASP A 401 -21.74 23.50 -6.90
CA ASP A 401 -22.84 24.31 -7.29
C ASP A 401 -24.05 23.46 -6.98
N ASP A 402 -25.20 24.07 -6.75
CA ASP A 402 -26.40 23.36 -6.43
C ASP A 402 -26.64 22.11 -7.28
N ASN A 403 -26.19 22.10 -8.51
CA ASN A 403 -26.46 20.95 -9.37
C ASN A 403 -25.35 19.89 -9.34
N LEU A 404 -24.43 20.01 -8.39
CA LEU A 404 -23.39 19.01 -8.18
C LEU A 404 -22.21 19.18 -9.10
N ASP A 405 -22.36 20.17 -9.96
CA ASP A 405 -21.31 20.66 -10.82
C ASP A 405 -20.28 21.22 -9.86
N TYR A 406 -19.00 21.00 -10.09
CA TYR A 406 -18.03 21.61 -9.19
C TYR A 406 -17.94 23.14 -9.43
N THR A 407 -17.75 23.92 -8.38
CA THR A 407 -17.44 25.29 -8.68
C THR A 407 -15.98 25.46 -8.35
N HIS A 408 -15.47 24.61 -7.48
CA HIS A 408 -14.05 24.67 -7.23
C HIS A 408 -13.62 23.26 -6.97
N ILE A 409 -12.65 22.78 -7.73
CA ILE A 409 -12.24 21.38 -7.62
C ILE A 409 -11.11 21.26 -6.67
N GLY A 410 -11.30 20.59 -5.56
CA GLY A 410 -10.20 20.43 -4.60
C GLY A 410 -9.21 19.37 -5.03
N HIS A 411 -8.50 18.79 -4.09
CA HIS A 411 -7.59 17.71 -4.45
C HIS A 411 -7.83 16.49 -3.60
N ASP A 412 -7.94 15.34 -4.22
CA ASP A 412 -8.11 14.14 -3.43
C ASP A 412 -6.97 13.21 -3.71
N ILE A 413 -6.87 12.08 -3.02
CA ILE A 413 -5.71 11.24 -3.19
C ILE A 413 -5.95 9.92 -3.88
N SER A 414 -5.17 9.64 -4.93
CA SER A 414 -5.23 8.34 -5.57
C SER A 414 -3.84 7.83 -5.30
N CYS A 415 -3.57 6.56 -5.50
CA CYS A 415 -2.29 6.03 -5.04
C CYS A 415 -1.70 5.00 -5.99
N ASN A 416 -0.48 5.20 -6.45
CA ASN A 416 0.07 4.25 -7.42
C ASN A 416 1.31 3.64 -6.87
N LEU A 417 1.29 2.34 -6.67
CA LEU A 417 2.37 1.76 -5.94
C LEU A 417 3.11 0.78 -6.77
N GLY A 418 4.17 0.25 -6.16
CA GLY A 418 5.00 -0.80 -6.70
C GLY A 418 6.04 -1.07 -5.66
N SER A 419 6.67 -2.21 -5.71
CA SER A 419 7.71 -2.48 -4.73
C SER A 419 8.99 -3.10 -5.26
N LEU A 420 10.03 -3.09 -4.43
CA LEU A 420 11.31 -3.67 -4.79
C LEU A 420 11.43 -4.91 -3.93
N ASN A 421 12.05 -5.97 -4.43
CA ASN A 421 12.27 -7.10 -3.54
C ASN A 421 13.63 -6.88 -2.90
N ILE A 422 13.62 -6.43 -1.66
CA ILE A 422 14.86 -6.08 -1.01
C ILE A 422 15.98 -6.99 -1.44
N ALA A 423 15.82 -8.28 -1.21
CA ALA A 423 16.87 -9.23 -1.55
C ALA A 423 17.45 -8.81 -2.88
N HIS A 424 16.74 -9.19 -3.92
CA HIS A 424 17.16 -8.84 -5.26
C HIS A 424 17.80 -7.46 -5.48
N VAL A 425 17.44 -6.46 -4.69
CA VAL A 425 18.10 -5.17 -4.87
C VAL A 425 19.48 -5.26 -4.32
N MET A 426 19.60 -5.67 -3.07
CA MET A 426 20.92 -5.85 -2.49
C MET A 426 21.82 -6.69 -3.42
N ASP A 427 21.25 -7.41 -4.37
CA ASP A 427 22.05 -8.23 -5.25
C ASP A 427 22.54 -7.56 -6.52
N SER A 428 22.01 -6.42 -6.94
CA SER A 428 22.75 -5.81 -8.02
C SER A 428 23.35 -4.54 -7.60
N PRO A 429 24.64 -4.59 -7.39
CA PRO A 429 25.44 -3.43 -7.00
C PRO A 429 24.90 -2.14 -7.61
N ASP A 430 24.25 -2.17 -8.80
CA ASP A 430 23.74 -0.88 -9.30
C ASP A 430 22.39 -0.44 -8.74
N ILE A 431 22.39 -0.16 -7.45
CA ILE A 431 21.16 0.19 -6.77
C ILE A 431 20.50 1.39 -7.43
N GLY A 432 21.28 2.43 -7.71
CA GLY A 432 20.75 3.67 -8.24
C GLY A 432 19.90 3.51 -9.48
N ARG A 433 20.28 2.59 -10.35
CA ARG A 433 19.51 2.36 -11.55
C ARG A 433 18.20 1.77 -11.08
N THR A 434 18.29 0.71 -10.31
CA THR A 434 17.09 0.08 -9.80
C THR A 434 16.10 1.08 -9.22
N VAL A 435 16.55 1.96 -8.34
CA VAL A 435 15.59 2.90 -7.80
C VAL A 435 15.04 3.80 -8.88
N GLU A 436 15.93 4.37 -9.69
CA GLU A 436 15.51 5.32 -10.72
C GLU A 436 14.38 4.79 -11.62
N THR A 437 14.60 3.61 -12.17
CA THR A 437 13.60 3.01 -13.04
C THR A 437 12.23 2.95 -12.40
N ALA A 438 12.18 2.22 -11.30
CA ALA A 438 10.99 2.10 -10.49
C ALA A 438 10.31 3.45 -10.38
N ILE A 439 11.02 4.44 -9.86
CA ILE A 439 10.42 5.76 -9.76
C ILE A 439 9.88 6.17 -11.11
N ARG A 440 10.70 6.12 -12.14
CA ARG A 440 10.15 6.46 -13.45
C ARG A 440 8.93 5.58 -13.69
N GLY A 441 9.11 4.27 -13.68
CA GLY A 441 7.95 3.44 -13.89
C GLY A 441 6.75 3.96 -13.12
N LEU A 442 6.91 4.21 -11.83
CA LEU A 442 5.75 4.56 -11.07
C LEU A 442 5.23 5.84 -11.59
N THR A 443 6.08 6.85 -11.68
CA THR A 443 5.65 8.15 -12.17
C THR A 443 4.82 8.03 -13.44
N ALA A 444 5.20 7.09 -14.29
CA ALA A 444 4.46 6.91 -15.50
C ALA A 444 3.02 6.52 -15.17
N VAL A 445 2.88 5.56 -14.29
CA VAL A 445 1.55 5.18 -13.92
C VAL A 445 0.81 6.44 -13.65
N SER A 446 1.39 7.32 -12.88
CA SER A 446 0.63 8.53 -12.57
C SER A 446 0.31 9.32 -13.80
N ASP A 447 1.33 9.59 -14.60
CA ASP A 447 1.10 10.46 -15.71
C ASP A 447 -0.02 9.99 -16.63
N MET A 448 -0.08 8.70 -16.87
CA MET A 448 -1.08 8.17 -17.76
C MET A 448 -2.40 8.05 -17.09
N SER A 449 -2.40 8.29 -15.79
CA SER A 449 -3.62 8.15 -15.06
C SER A 449 -4.39 9.43 -15.25
N HIS A 450 -5.71 9.31 -15.43
CA HIS A 450 -6.62 10.44 -15.50
C HIS A 450 -8.04 10.02 -15.16
N ILE A 451 -8.28 9.76 -13.88
CA ILE A 451 -9.59 9.29 -13.43
C ILE A 451 -10.73 10.22 -13.84
N ARG A 452 -11.46 9.90 -14.89
CA ARG A 452 -12.47 10.87 -15.33
C ARG A 452 -13.57 11.17 -14.30
N SER A 453 -14.07 10.18 -13.60
CA SER A 453 -15.30 10.38 -12.86
C SER A 453 -15.27 11.03 -11.49
N VAL A 454 -14.11 11.44 -11.02
CA VAL A 454 -14.06 12.15 -9.76
C VAL A 454 -13.00 13.21 -9.94
N PRO A 455 -13.43 14.29 -10.60
CA PRO A 455 -12.60 15.44 -10.94
C PRO A 455 -11.57 15.74 -9.91
N SER A 456 -11.97 15.82 -8.65
CA SER A 456 -11.08 16.12 -7.55
C SER A 456 -9.91 15.14 -7.39
N ILE A 457 -10.08 13.91 -7.89
CA ILE A 457 -8.99 12.95 -7.81
C ILE A 457 -8.03 13.26 -8.93
N ALA A 458 -8.56 13.41 -10.13
CA ALA A 458 -7.72 13.72 -11.25
C ALA A 458 -6.89 14.96 -10.95
N ALA A 459 -7.54 15.98 -10.40
CA ALA A 459 -6.82 17.21 -10.11
C ALA A 459 -5.67 16.90 -9.20
N GLY A 460 -5.96 16.15 -8.16
CA GLY A 460 -4.96 15.79 -7.19
C GLY A 460 -3.74 15.21 -7.85
N ASN A 461 -3.92 14.07 -8.49
CA ASN A 461 -2.82 13.40 -9.17
C ASN A 461 -2.01 14.38 -9.98
N ALA A 462 -2.66 14.99 -10.94
CA ALA A 462 -2.00 15.92 -11.84
C ALA A 462 -1.17 16.93 -11.08
N ALA A 463 -1.71 17.41 -9.98
CA ALA A 463 -0.93 18.39 -9.25
C ALA A 463 0.26 17.75 -8.52
N SER A 464 0.02 16.66 -7.80
CA SER A 464 1.02 16.08 -6.92
C SER A 464 2.03 15.10 -7.52
N HIS A 465 1.69 14.50 -8.65
CA HIS A 465 2.48 13.38 -9.17
C HIS A 465 2.93 12.50 -8.02
N ALA A 466 2.03 12.14 -7.13
CA ALA A 466 2.43 11.40 -5.95
C ALA A 466 2.58 9.91 -6.14
N ILE A 467 3.70 9.33 -5.77
CA ILE A 467 3.81 7.91 -5.94
C ILE A 467 4.11 7.12 -4.68
N GLY A 468 4.05 5.80 -4.82
CA GLY A 468 4.25 4.95 -3.67
C GLY A 468 5.24 3.83 -3.86
N LEU A 469 6.52 4.18 -3.88
CA LEU A 469 7.51 3.13 -4.03
C LEU A 469 7.60 2.36 -2.71
N GLY A 470 7.59 1.04 -2.73
CA GLY A 470 7.59 0.31 -1.47
C GLY A 470 8.40 -0.96 -1.47
N GLN A 471 8.48 -1.68 -0.35
CA GLN A 471 9.37 -2.85 -0.36
C GLN A 471 8.78 -4.16 0.12
N MET A 472 9.36 -5.25 -0.31
CA MET A 472 8.88 -6.54 0.10
C MET A 472 10.12 -7.37 0.25
N ASN A 473 9.99 -8.53 0.89
CA ASN A 473 11.07 -9.48 1.14
C ASN A 473 12.12 -9.26 2.25
N LEU A 474 11.88 -8.28 3.14
CA LEU A 474 12.81 -8.04 4.26
C LEU A 474 13.19 -9.32 4.95
N HIS A 475 12.20 -10.06 5.39
CA HIS A 475 12.53 -11.27 6.08
C HIS A 475 13.33 -12.15 5.18
N GLY A 476 12.75 -12.41 4.02
CA GLY A 476 13.40 -13.25 3.06
C GLY A 476 14.88 -12.99 3.06
N TYR A 477 15.25 -11.72 2.85
CA TYR A 477 16.67 -11.38 2.84
C TYR A 477 17.31 -11.76 4.14
N LEU A 478 17.12 -10.90 5.16
CA LEU A 478 17.75 -11.18 6.43
C LEU A 478 17.97 -12.69 6.61
N ALA A 479 16.92 -13.47 6.39
CA ALA A 479 17.07 -14.90 6.58
C ALA A 479 18.23 -15.45 5.78
N ARG A 480 18.22 -15.19 4.48
CA ARG A 480 19.23 -15.73 3.61
C ARG A 480 20.58 -15.44 4.23
N GLU A 481 20.80 -14.20 4.62
CA GLU A 481 22.04 -13.78 5.24
C GLU A 481 22.15 -14.21 6.70
N GLY A 482 21.37 -15.21 7.09
CA GLY A 482 21.37 -15.70 8.46
C GLY A 482 21.26 -14.66 9.58
N ILE A 483 20.52 -13.59 9.35
CA ILE A 483 20.29 -12.62 10.39
C ILE A 483 18.92 -12.95 10.90
N ALA A 484 18.51 -12.43 12.04
CA ALA A 484 17.24 -12.87 12.60
C ALA A 484 16.27 -11.75 12.75
N TYR A 485 15.05 -11.99 12.28
CA TYR A 485 14.07 -10.93 12.27
C TYR A 485 14.06 -10.26 13.60
N GLY A 486 14.16 -8.95 13.61
CA GLY A 486 14.05 -8.26 14.88
C GLY A 486 15.38 -7.88 15.47
N SER A 487 16.35 -8.77 15.34
CA SER A 487 17.73 -8.52 15.78
C SER A 487 18.33 -7.13 15.59
N PRO A 488 19.15 -6.76 16.54
CA PRO A 488 19.89 -5.50 16.45
C PRO A 488 20.47 -5.35 15.06
N GLU A 489 20.89 -6.45 14.46
CA GLU A 489 21.50 -6.43 13.14
C GLU A 489 20.44 -6.07 12.15
N ALA A 490 19.40 -6.88 12.15
CA ALA A 490 18.24 -6.59 11.36
C ALA A 490 17.96 -5.10 11.49
N LEU A 491 17.67 -4.64 12.70
CA LEU A 491 17.31 -3.25 12.85
C LEU A 491 18.30 -2.39 12.14
N ASP A 492 19.56 -2.71 12.34
CA ASP A 492 20.60 -1.92 11.73
C ASP A 492 20.41 -1.98 10.24
N PHE A 493 20.22 -3.19 9.73
CA PHE A 493 20.05 -3.30 8.29
C PHE A 493 18.87 -2.48 7.79
N THR A 494 17.71 -2.65 8.40
CA THR A 494 16.61 -2.01 7.77
C THR A 494 16.72 -0.52 7.85
N ASN A 495 17.33 -0.02 8.90
CA ASN A 495 17.48 1.41 8.93
C ASN A 495 18.37 1.88 7.79
N LEU A 496 19.55 1.31 7.71
CA LEU A 496 20.46 1.79 6.68
C LEU A 496 19.92 1.69 5.22
N TYR A 497 19.31 0.57 4.89
CA TYR A 497 18.76 0.31 3.56
C TYR A 497 17.72 1.35 3.16
N PHE A 498 16.66 1.44 3.96
CA PHE A 498 15.64 2.45 3.72
C PHE A 498 16.34 3.82 3.67
N TYR A 499 17.41 3.94 4.43
CA TYR A 499 18.23 5.15 4.37
C TYR A 499 18.79 5.33 2.95
N THR A 500 19.43 4.30 2.45
CA THR A 500 20.03 4.48 1.17
C THR A 500 18.95 4.56 0.08
N ILE A 501 17.89 3.76 0.16
CA ILE A 501 16.83 3.92 -0.84
C ILE A 501 16.33 5.37 -0.86
N THR A 502 15.97 5.90 0.30
CA THR A 502 15.47 7.25 0.28
C THR A 502 16.36 8.21 -0.49
N TRP A 503 17.69 8.06 -0.37
CA TRP A 503 18.57 9.02 -1.03
C TRP A 503 18.33 9.00 -2.52
N HIS A 504 18.30 7.80 -3.08
CA HIS A 504 18.13 7.72 -4.51
C HIS A 504 16.76 8.19 -5.02
N ALA A 505 15.68 7.93 -4.29
CA ALA A 505 14.41 8.42 -4.84
C ALA A 505 14.30 9.94 -4.90
N VAL A 506 14.66 10.63 -3.82
CA VAL A 506 14.62 12.10 -3.85
C VAL A 506 15.48 12.54 -5.01
N HIS A 507 16.64 11.93 -5.10
CA HIS A 507 17.55 12.23 -6.21
C HIS A 507 16.88 12.12 -7.58
N THR A 508 16.21 10.99 -7.82
CA THR A 508 15.48 10.75 -9.05
C THR A 508 14.37 11.76 -9.24
N SER A 509 13.56 11.96 -8.21
CA SER A 509 12.51 12.93 -8.29
C SER A 509 13.12 14.29 -8.55
N MET A 510 14.34 14.49 -8.08
CA MET A 510 15.04 15.75 -8.32
C MET A 510 15.37 15.81 -9.78
N ARG A 511 15.64 14.66 -10.35
CA ARG A 511 16.03 14.62 -11.71
C ARG A 511 14.84 14.92 -12.59
N LEU A 512 13.76 14.17 -12.41
CA LEU A 512 12.59 14.39 -13.23
C LEU A 512 12.25 15.85 -13.19
N ALA A 513 12.34 16.42 -12.01
CA ALA A 513 12.03 17.82 -11.88
C ALA A 513 12.74 18.57 -12.98
N ARG A 514 14.04 18.34 -13.06
CA ARG A 514 14.86 19.04 -14.03
C ARG A 514 14.45 18.64 -15.45
N GLU A 515 14.52 17.35 -15.74
CA GLU A 515 14.11 16.89 -17.06
C GLU A 515 12.81 17.50 -17.56
N ARG A 516 11.85 17.69 -16.67
CA ARG A 516 10.53 18.10 -17.13
C ARG A 516 10.20 19.55 -16.90
N GLY A 517 11.16 20.29 -16.41
CA GLY A 517 10.91 21.70 -16.15
C GLY A 517 9.86 22.05 -15.10
N LYS A 518 9.40 21.10 -14.32
CA LYS A 518 8.45 21.46 -13.29
C LYS A 518 8.44 20.56 -12.07
N THR A 519 7.69 20.99 -11.08
CA THR A 519 7.70 20.28 -9.84
C THR A 519 6.28 20.09 -9.44
N PHE A 520 6.08 19.45 -8.31
CA PHE A 520 4.73 19.27 -7.86
C PHE A 520 4.26 20.58 -7.31
N ALA A 521 2.98 20.83 -7.50
CA ALA A 521 2.37 22.05 -7.01
C ALA A 521 2.61 22.21 -5.53
N GLY A 522 2.92 23.41 -5.11
CA GLY A 522 3.10 23.68 -3.69
C GLY A 522 4.48 23.33 -3.14
N PHE A 523 5.34 22.83 -4.02
CA PHE A 523 6.70 22.51 -3.64
C PHE A 523 7.32 23.64 -2.79
N ALA A 524 7.29 24.84 -3.31
CA ALA A 524 7.82 25.99 -2.59
C ALA A 524 7.47 26.00 -1.10
N GLN A 525 6.32 25.48 -0.72
CA GLN A 525 5.98 25.52 0.69
C GLN A 525 6.54 24.33 1.42
N SER A 526 6.99 23.35 0.69
CA SER A 526 7.43 22.10 1.31
C SER A 526 8.64 22.31 2.15
N ARG A 527 8.99 21.29 2.91
CA ARG A 527 10.24 21.31 3.65
C ARG A 527 11.32 20.90 2.65
N TYR A 528 10.94 20.66 1.41
CA TYR A 528 11.94 20.29 0.42
C TYR A 528 12.52 21.59 -0.07
N ALA A 529 11.66 22.60 -0.18
CA ALA A 529 12.06 23.90 -0.72
C ALA A 529 13.09 24.61 0.12
N SER A 530 12.86 24.60 1.43
CA SER A 530 13.68 25.33 2.36
C SER A 530 14.81 24.47 2.91
N GLY A 531 14.87 23.22 2.48
CA GLY A 531 15.94 22.36 2.92
C GLY A 531 15.81 21.62 4.24
N ASP A 532 14.96 22.06 5.15
CA ASP A 532 14.93 21.34 6.41
C ASP A 532 14.76 19.85 6.17
N TYR A 533 14.03 19.47 5.12
CA TYR A 533 13.82 18.05 4.93
C TYR A 533 15.09 17.30 5.27
N PHE A 534 16.23 17.83 4.85
CA PHE A 534 17.52 17.17 5.02
C PHE A 534 18.16 17.26 6.41
N THR A 535 17.87 18.35 7.12
CA THR A 535 18.43 18.50 8.45
C THR A 535 18.54 17.10 9.05
N GLN A 536 17.45 16.34 9.02
CA GLN A 536 17.49 15.02 9.62
C GLN A 536 18.68 14.16 9.17
N TYR A 537 19.19 14.39 7.96
CA TYR A 537 20.23 13.54 7.44
C TYR A 537 21.58 14.23 7.52
N LEU A 538 21.60 15.39 8.14
CA LEU A 538 22.86 16.09 8.19
C LEU A 538 23.70 15.83 9.44
N GLN A 539 23.07 15.38 10.52
CA GLN A 539 23.79 15.00 11.73
C GLN A 539 24.50 13.67 11.49
N ASP A 540 24.34 12.76 12.43
CA ASP A 540 24.91 11.46 12.22
C ASP A 540 24.01 10.45 12.87
N ASP A 541 24.35 9.19 12.66
CA ASP A 541 23.51 8.05 13.00
C ASP A 541 23.81 7.12 11.83
N TRP A 542 24.19 7.74 10.72
CA TRP A 542 24.41 7.01 9.47
C TRP A 542 25.75 6.34 9.43
N GLN A 543 25.87 5.27 10.21
CA GLN A 543 27.11 4.50 10.35
C GLN A 543 26.80 3.13 10.89
N PRO A 544 26.87 2.18 10.00
CA PRO A 544 26.58 0.78 10.29
C PRO A 544 26.90 0.38 11.72
N LYS A 545 25.93 0.42 12.61
CA LYS A 545 26.18 -0.04 13.97
C LYS A 545 26.80 -1.43 13.93
N THR A 546 26.07 -2.43 13.51
CA THR A 546 26.61 -3.80 13.46
C THR A 546 27.73 -3.94 12.43
N ALA A 547 28.65 -4.88 12.66
CA ALA A 547 29.73 -5.18 11.71
C ALA A 547 29.14 -5.91 10.51
N LYS A 548 28.43 -7.00 10.79
CA LYS A 548 27.78 -7.73 9.72
C LYS A 548 27.05 -6.83 8.73
N VAL A 549 26.43 -5.76 9.21
CA VAL A 549 25.71 -4.93 8.27
C VAL A 549 26.66 -4.18 7.33
N ARG A 550 27.67 -3.51 7.89
CA ARG A 550 28.65 -2.80 7.05
C ARG A 550 29.12 -3.76 5.99
N ALA A 551 29.36 -4.99 6.45
CA ALA A 551 29.80 -6.07 5.61
C ALA A 551 28.90 -6.17 4.40
N LEU A 552 27.71 -6.70 4.59
CA LEU A 552 26.74 -6.86 3.52
C LEU A 552 26.88 -5.74 2.49
N PHE A 553 26.61 -4.51 2.90
CA PHE A 553 26.70 -3.42 1.96
C PHE A 553 27.94 -3.38 1.08
N ALA A 554 29.05 -3.93 1.55
CA ALA A 554 30.26 -3.96 0.76
C ALA A 554 30.22 -5.16 -0.15
N ARG A 555 30.07 -6.34 0.43
CA ARG A 555 30.01 -7.51 -0.42
C ARG A 555 28.93 -7.28 -1.47
N SER A 556 28.40 -6.07 -1.53
CA SER A 556 27.37 -5.81 -2.51
C SER A 556 27.79 -4.70 -3.44
N GLY A 557 28.56 -3.76 -2.93
CA GLY A 557 29.04 -2.71 -3.77
C GLY A 557 28.14 -1.53 -3.58
N ILE A 558 27.32 -1.56 -2.54
CA ILE A 558 26.45 -0.41 -2.35
C ILE A 558 27.13 0.59 -1.46
N THR A 559 27.19 1.82 -1.93
CA THR A 559 27.82 2.88 -1.18
C THR A 559 26.71 3.56 -0.40
N LEU A 560 26.90 3.73 0.91
CA LEU A 560 25.92 4.41 1.75
C LEU A 560 26.02 5.89 1.56
N PRO A 561 24.93 6.56 1.27
CA PRO A 561 24.98 7.99 1.02
C PRO A 561 25.80 8.63 2.13
N THR A 562 26.65 9.58 1.77
CA THR A 562 27.57 10.22 2.69
C THR A 562 27.22 11.69 2.84
N ARG A 563 27.57 12.26 3.99
CA ARG A 563 27.22 13.66 4.23
C ARG A 563 27.52 14.52 3.01
N GLU A 564 28.43 14.05 2.17
CA GLU A 564 28.81 14.80 1.00
C GLU A 564 27.65 14.76 0.03
N MET A 565 27.11 13.55 -0.14
CA MET A 565 25.98 13.34 -1.04
C MET A 565 24.73 14.09 -0.59
N TRP A 566 24.38 13.97 0.68
CA TRP A 566 23.20 14.66 1.13
C TRP A 566 23.38 16.13 0.86
N LEU A 567 24.45 16.70 1.38
CA LEU A 567 24.67 18.13 1.22
C LEU A 567 24.61 18.50 -0.27
N LYS A 568 25.14 17.60 -1.09
CA LYS A 568 25.12 17.80 -2.53
C LYS A 568 23.70 17.69 -3.11
N LEU A 569 22.93 16.73 -2.60
CA LEU A 569 21.55 16.53 -3.06
C LEU A 569 20.64 17.67 -2.63
N ARG A 570 20.82 18.10 -1.40
CA ARG A 570 20.03 19.19 -0.85
C ARG A 570 20.09 20.47 -1.70
N ASP A 571 21.22 20.72 -2.36
CA ASP A 571 21.32 21.94 -3.14
C ASP A 571 20.64 21.87 -4.51
N ASP A 572 20.61 20.68 -5.08
CA ASP A 572 19.90 20.50 -6.34
C ASP A 572 18.41 20.75 -6.15
N VAL A 573 17.87 20.22 -5.04
CA VAL A 573 16.47 20.38 -4.75
C VAL A 573 16.10 21.81 -4.56
N MET A 574 16.78 22.48 -3.62
CA MET A 574 16.47 23.88 -3.37
C MET A 574 16.65 24.64 -4.67
N ARG A 575 17.45 24.10 -5.58
CA ARG A 575 17.63 24.81 -6.84
C ARG A 575 16.66 24.31 -7.88
N TYR A 576 16.32 23.03 -7.83
CA TYR A 576 15.52 22.47 -8.91
C TYR A 576 14.19 21.84 -8.54
N GLY A 577 13.97 21.58 -7.25
CA GLY A 577 12.76 20.90 -6.80
C GLY A 577 12.69 19.42 -7.20
N ILE A 578 11.57 18.78 -6.86
CA ILE A 578 11.35 17.39 -7.25
C ILE A 578 10.01 17.25 -7.95
N TYR A 579 9.81 16.15 -8.65
CA TYR A 579 8.60 16.04 -9.42
C TYR A 579 7.52 15.42 -8.57
N ASN A 580 7.88 14.55 -7.64
CA ASN A 580 6.84 13.92 -6.89
C ASN A 580 6.74 14.48 -5.50
N GLN A 581 5.52 14.74 -5.06
CA GLN A 581 5.23 15.26 -3.74
C GLN A 581 5.45 14.24 -2.69
N ASN A 582 5.44 12.97 -3.07
CA ASN A 582 5.54 11.89 -2.10
C ASN A 582 6.15 10.62 -2.71
N LEU A 583 7.27 10.14 -2.19
CA LEU A 583 7.95 9.03 -2.83
C LEU A 583 7.56 7.62 -2.43
N GLN A 584 7.79 7.29 -1.17
CA GLN A 584 7.57 5.91 -0.76
C GLN A 584 6.30 5.63 0.02
N ALA A 585 5.92 4.37 0.05
CA ALA A 585 4.84 3.92 0.88
C ALA A 585 4.98 2.43 0.85
N VAL A 586 4.84 1.78 2.00
CA VAL A 586 5.10 0.37 2.08
C VAL A 586 3.86 -0.37 2.39
N PRO A 587 3.04 -0.66 1.39
CA PRO A 587 1.78 -1.43 1.56
C PRO A 587 2.08 -2.87 1.83
N PRO A 588 1.07 -3.70 2.11
CA PRO A 588 1.29 -5.15 2.23
C PRO A 588 1.45 -5.66 0.80
N THR A 589 1.88 -6.88 0.56
CA THR A 589 2.00 -7.27 -0.85
C THR A 589 1.18 -8.52 -1.14
N GLY A 590 -0.09 -8.30 -1.43
CA GLY A 590 -1.07 -9.33 -1.73
C GLY A 590 -0.62 -10.60 -2.43
N SER A 591 -1.20 -10.92 -3.56
CA SER A 591 -0.80 -12.18 -4.14
C SER A 591 0.44 -12.07 -5.01
N ILE A 592 0.80 -10.85 -5.41
CA ILE A 592 1.99 -10.67 -6.25
C ILE A 592 3.10 -11.35 -5.50
N SER A 593 3.45 -10.84 -4.33
CA SER A 593 4.49 -11.52 -3.59
C SER A 593 4.66 -12.95 -4.14
N TYR A 594 3.69 -13.83 -3.95
CA TYR A 594 3.84 -15.22 -4.44
C TYR A 594 4.42 -15.30 -5.86
N ILE A 595 4.05 -14.35 -6.69
CA ILE A 595 4.61 -14.34 -8.02
C ILE A 595 6.07 -13.93 -7.97
N ASN A 596 6.33 -12.80 -7.32
CA ASN A 596 7.67 -12.25 -7.22
C ASN A 596 8.57 -13.06 -6.30
N HIS A 597 7.94 -13.99 -5.57
CA HIS A 597 8.59 -14.85 -4.58
C HIS A 597 9.18 -14.12 -3.41
N ALA A 598 8.37 -13.36 -2.69
CA ALA A 598 8.86 -12.57 -1.58
C ALA A 598 8.12 -12.85 -0.27
N THR A 599 8.51 -12.16 0.78
CA THR A 599 7.78 -12.30 2.00
C THR A 599 7.03 -10.99 2.11
N SER A 600 5.72 -11.08 2.28
CA SER A 600 4.92 -9.87 2.18
C SER A 600 5.46 -8.69 2.96
N SER A 601 5.78 -7.63 2.24
CA SER A 601 6.26 -6.40 2.85
C SER A 601 7.53 -6.61 3.62
N ILE A 602 7.70 -5.83 4.69
CA ILE A 602 8.84 -5.98 5.60
C ILE A 602 8.53 -6.66 6.91
N HIS A 603 7.51 -7.50 6.96
CA HIS A 603 7.14 -8.08 8.24
C HIS A 603 7.18 -9.60 8.30
N PRO A 604 7.73 -10.15 9.35
CA PRO A 604 8.01 -11.58 9.42
C PRO A 604 7.00 -12.44 8.71
N ILE A 605 7.41 -13.63 8.34
CA ILE A 605 6.56 -14.51 7.55
C ILE A 605 5.38 -15.15 8.29
N VAL A 606 4.16 -14.88 7.87
CA VAL A 606 3.04 -15.46 8.60
C VAL A 606 3.05 -16.99 8.77
N ALA A 607 3.85 -17.71 8.01
CA ALA A 607 3.97 -19.14 8.26
C ALA A 607 5.11 -19.70 7.47
N LYS A 608 5.54 -20.90 7.78
CA LYS A 608 6.62 -21.44 6.98
C LYS A 608 5.96 -21.89 5.71
N ILE A 609 5.02 -22.82 5.81
CA ILE A 609 4.27 -23.17 4.63
C ILE A 609 2.90 -22.47 4.68
N GLU A 610 2.81 -21.31 4.04
CA GLU A 610 1.56 -20.53 3.91
C GLU A 610 0.49 -21.36 3.19
N ILE A 611 -0.74 -21.29 3.66
CA ILE A 611 -1.79 -22.07 3.02
C ILE A 611 -2.92 -21.20 2.55
N ARG A 612 -3.35 -21.40 1.31
CA ARG A 612 -4.40 -20.58 0.75
C ARG A 612 -5.61 -21.40 0.38
N LYS A 613 -6.78 -20.83 0.64
CA LYS A 613 -8.03 -21.49 0.28
C LYS A 613 -8.31 -21.12 -1.18
N GLU A 614 -7.65 -21.82 -2.10
CA GLU A 614 -7.73 -21.46 -3.51
C GLU A 614 -7.62 -22.70 -4.38
N GLY A 615 -8.11 -22.61 -5.62
CA GLY A 615 -8.01 -23.71 -6.56
C GLY A 615 -8.97 -24.86 -6.31
N LYS A 616 -9.03 -25.78 -7.26
CA LYS A 616 -9.95 -26.92 -7.21
C LYS A 616 -9.67 -27.99 -6.13
N THR A 617 -8.41 -28.07 -5.65
CA THR A 617 -8.02 -29.05 -4.62
C THR A 617 -8.51 -28.65 -3.24
N GLY A 618 -8.70 -27.34 -3.04
CA GLY A 618 -9.13 -26.80 -1.76
C GLY A 618 -8.06 -25.84 -1.30
N ARG A 619 -6.81 -26.29 -1.34
CA ARG A 619 -5.76 -25.41 -0.86
C ARG A 619 -4.51 -25.44 -1.70
N VAL A 620 -3.60 -24.52 -1.42
CA VAL A 620 -2.38 -24.45 -2.20
C VAL A 620 -1.27 -23.91 -1.33
N TYR A 621 -0.17 -24.66 -1.27
CA TYR A 621 0.88 -24.41 -0.34
C TYR A 621 2.08 -23.63 -0.86
N TYR A 622 2.45 -22.57 -0.15
CA TYR A 622 3.53 -21.65 -0.53
C TYR A 622 4.80 -21.53 0.34
N PRO A 623 5.84 -22.33 0.14
CA PRO A 623 7.07 -22.29 0.95
C PRO A 623 7.81 -21.00 0.80
N ALA A 624 8.33 -20.46 1.88
CA ALA A 624 8.98 -19.14 1.84
C ALA A 624 10.34 -19.11 1.19
N PRO A 625 10.69 -17.96 0.67
CA PRO A 625 11.94 -17.76 -0.08
C PRO A 625 13.18 -18.09 0.70
N PHE A 626 14.09 -18.76 0.02
CA PHE A 626 15.37 -19.22 0.54
C PHE A 626 15.26 -20.21 1.68
N MET A 627 14.11 -20.81 1.85
CA MET A 627 14.04 -21.63 3.03
C MET A 627 14.37 -23.07 2.80
N THR A 628 15.28 -23.59 3.60
CA THR A 628 15.69 -24.97 3.47
C THR A 628 15.76 -25.67 4.80
N ASN A 629 15.75 -26.98 4.76
CA ASN A 629 15.84 -27.73 5.97
C ASN A 629 17.05 -27.34 6.79
N GLU A 630 18.01 -26.65 6.22
CA GLU A 630 19.14 -26.32 7.07
C GLU A 630 19.05 -24.89 7.61
N ASN A 631 17.96 -24.20 7.31
CA ASN A 631 17.80 -22.90 7.95
C ASN A 631 16.46 -22.55 8.65
N LEU A 632 15.60 -23.55 8.78
CA LEU A 632 14.33 -23.31 9.41
C LEU A 632 14.47 -22.37 10.62
N ASP A 633 15.47 -22.57 11.45
CA ASP A 633 15.50 -21.72 12.62
C ASP A 633 15.67 -20.27 12.29
N MET A 634 15.44 -19.85 11.06
CA MET A 634 15.53 -18.42 10.80
C MET A 634 14.18 -17.97 10.30
N TYR A 635 13.27 -18.91 10.30
CA TYR A 635 11.91 -18.65 9.89
C TYR A 635 10.92 -18.76 11.09
N GLN A 636 10.82 -17.71 11.90
CA GLN A 636 9.86 -17.82 12.98
C GLN A 636 8.59 -17.03 12.66
N ASP A 637 7.41 -17.60 12.87
CA ASP A 637 6.18 -16.90 12.56
C ASP A 637 6.13 -15.48 13.13
N ALA A 638 5.27 -14.64 12.58
CA ALA A 638 5.15 -13.29 13.09
C ALA A 638 4.55 -13.41 14.45
N TYR A 639 3.69 -14.42 14.58
CA TYR A 639 3.13 -14.75 15.84
C TYR A 639 4.28 -15.04 16.75
N ASP A 640 5.20 -15.90 16.30
CA ASP A 640 6.30 -16.26 17.20
C ASP A 640 7.23 -15.06 17.41
N ILE A 641 7.50 -14.28 16.40
CA ILE A 641 8.36 -13.16 16.67
C ILE A 641 7.72 -12.23 17.66
N GLY A 642 6.46 -11.88 17.44
CA GLY A 642 5.75 -10.97 18.30
C GLY A 642 5.88 -9.47 18.09
N PRO A 643 4.85 -8.75 18.56
CA PRO A 643 4.66 -7.32 18.32
C PRO A 643 5.87 -6.47 18.48
N GLU A 644 6.46 -6.39 19.69
CA GLU A 644 7.61 -5.53 19.90
C GLU A 644 8.47 -5.57 18.60
N LYS A 645 9.27 -6.62 18.45
CA LYS A 645 10.10 -6.76 17.26
C LYS A 645 9.52 -6.18 15.96
N ILE A 646 8.30 -6.57 15.57
CA ILE A 646 7.67 -5.95 14.43
C ILE A 646 7.58 -4.43 14.65
N ILE A 647 6.90 -3.98 15.70
CA ILE A 647 6.85 -2.52 15.91
C ILE A 647 8.25 -1.91 15.73
N ASP A 648 9.26 -2.63 16.22
CA ASP A 648 10.62 -2.14 16.14
C ASP A 648 11.17 -1.90 14.74
N THR A 649 11.07 -2.91 13.88
CA THR A 649 11.50 -2.80 12.50
C THR A 649 10.82 -1.64 11.78
N TYR A 650 9.50 -1.63 11.81
CA TYR A 650 8.75 -0.59 11.13
C TYR A 650 9.13 0.82 11.52
N ALA A 651 9.57 1.01 12.75
CA ALA A 651 9.98 2.35 13.14
C ALA A 651 11.17 2.72 12.34
N GLU A 652 12.17 1.88 12.46
CA GLU A 652 13.39 2.09 11.75
C GLU A 652 13.05 2.48 10.32
N ALA A 653 12.05 1.85 9.74
CA ALA A 653 11.68 2.23 8.39
C ALA A 653 10.93 3.56 8.40
N THR A 654 10.18 3.85 9.44
CA THR A 654 9.51 5.13 9.44
C THR A 654 10.45 6.44 9.45
N ARG A 655 11.72 6.52 9.92
CA ARG A 655 12.48 7.84 9.90
C ARG A 655 12.69 8.29 8.49
N HIS A 656 12.41 7.37 7.56
CA HIS A 656 12.64 7.65 6.15
C HIS A 656 11.44 7.58 5.19
N VAL A 657 10.52 6.68 5.40
CA VAL A 657 9.40 6.61 4.48
C VAL A 657 8.53 7.87 4.61
N ASP A 658 8.33 8.58 3.51
CA ASP A 658 7.57 9.81 3.59
C ASP A 658 6.04 9.66 3.68
N GLN A 659 5.53 8.48 3.39
CA GLN A 659 4.12 8.21 3.58
C GLN A 659 4.07 7.18 4.72
N GLY A 660 3.41 6.04 4.53
CA GLY A 660 3.31 5.06 5.60
C GLY A 660 3.62 3.59 5.31
N LEU A 661 3.43 2.74 6.32
CA LEU A 661 3.72 1.34 6.14
C LEU A 661 2.68 0.49 6.84
N SER A 662 1.93 -0.30 6.10
CA SER A 662 0.93 -1.13 6.73
C SER A 662 1.52 -2.06 7.74
N LEU A 663 1.16 -1.84 8.99
CA LEU A 663 1.73 -2.63 10.06
C LEU A 663 0.73 -3.55 10.79
N THR A 664 0.86 -4.84 10.67
CA THR A 664 -0.01 -5.74 11.39
C THR A 664 0.73 -6.39 12.55
N LEU A 665 0.00 -6.52 13.66
CA LEU A 665 0.49 -7.16 14.85
C LEU A 665 -0.15 -8.50 14.92
N PHE A 666 0.64 -9.54 15.11
CA PHE A 666 0.08 -10.87 15.18
C PHE A 666 0.06 -11.24 16.63
N PHE A 667 -1.07 -11.76 17.12
CA PHE A 667 -1.24 -12.14 18.52
C PHE A 667 -1.79 -13.53 18.66
N PRO A 668 -1.53 -14.13 19.81
CA PRO A 668 -2.02 -15.48 20.11
C PRO A 668 -3.46 -15.34 20.50
N ASP A 669 -4.20 -16.41 20.38
CA ASP A 669 -5.63 -16.35 20.65
C ASP A 669 -5.96 -16.20 22.14
N THR A 670 -4.95 -16.01 22.97
CA THR A 670 -5.21 -15.77 24.40
C THR A 670 -4.84 -14.36 24.78
N ALA A 671 -4.47 -13.55 23.81
CA ALA A 671 -4.04 -12.22 24.14
C ALA A 671 -5.21 -11.47 24.75
N THR A 672 -4.91 -10.42 25.50
CA THR A 672 -5.94 -9.65 26.20
C THR A 672 -5.98 -8.26 25.65
N THR A 673 -7.11 -7.58 25.76
CA THR A 673 -7.21 -6.26 25.15
C THR A 673 -6.09 -5.39 25.71
N ARG A 674 -5.75 -5.63 26.97
CA ARG A 674 -4.68 -4.85 27.55
C ARG A 674 -3.41 -5.16 26.79
N ASP A 675 -3.23 -6.45 26.50
CA ASP A 675 -2.09 -6.88 25.71
C ASP A 675 -2.07 -5.98 24.49
N ILE A 676 -3.12 -6.06 23.70
CA ILE A 676 -3.26 -5.25 22.52
C ILE A 676 -2.94 -3.84 22.90
N ASN A 677 -3.73 -3.31 23.80
CA ASN A 677 -3.54 -1.92 24.15
C ASN A 677 -2.08 -1.52 24.35
N LYS A 678 -1.32 -2.37 25.04
CA LYS A 678 0.10 -2.05 25.30
C LYS A 678 0.83 -1.87 23.99
N ALA A 679 0.75 -2.90 23.16
CA ALA A 679 1.36 -2.90 21.84
C ALA A 679 1.12 -1.57 21.17
N GLN A 680 -0.14 -1.19 21.01
CA GLN A 680 -0.42 0.09 20.41
C GLN A 680 0.40 1.17 21.09
N ILE A 681 0.45 1.18 22.41
CA ILE A 681 1.24 2.23 23.04
C ILE A 681 2.69 2.18 22.62
N TYR A 682 3.25 0.98 22.64
CA TYR A 682 4.65 0.86 22.26
C TYR A 682 4.79 1.54 20.92
N ALA A 683 3.99 1.05 19.97
CA ALA A 683 3.91 1.61 18.64
C ALA A 683 3.91 3.13 18.67
N TRP A 684 2.97 3.72 19.41
CA TRP A 684 2.87 5.17 19.47
C TRP A 684 4.15 5.86 20.00
N ARG A 685 4.52 5.60 21.24
CA ARG A 685 5.80 6.10 21.76
C ARG A 685 6.96 5.85 20.78
N LYS A 686 6.87 4.82 19.95
CA LYS A 686 8.00 4.49 19.09
C LYS A 686 8.12 5.15 17.71
N GLY A 687 7.25 6.09 17.37
CA GLY A 687 7.36 6.71 16.05
C GLY A 687 6.40 6.22 14.97
N ILE A 688 5.96 4.99 15.06
CA ILE A 688 5.02 4.42 14.10
C ILE A 688 3.95 5.39 13.67
N LYS A 689 3.77 5.58 12.36
CA LYS A 689 2.73 6.48 11.89
C LYS A 689 1.31 5.93 11.91
N SER A 690 1.12 4.62 11.78
CA SER A 690 -0.24 4.13 11.70
C SER A 690 -0.28 2.65 11.98
N LEU A 691 -1.45 2.13 12.36
CA LEU A 691 -1.57 0.72 12.66
C LEU A 691 -2.73 0.10 11.93
N TYR A 692 -2.42 -1.03 11.29
CA TYR A 692 -3.31 -1.64 10.33
C TYR A 692 -4.35 -2.53 10.88
N TYR A 693 -3.98 -3.70 11.34
CA TYR A 693 -4.96 -4.69 11.73
C TYR A 693 -4.40 -5.33 12.93
N ILE A 694 -5.21 -5.92 13.78
CA ILE A 694 -4.58 -6.83 14.70
C ILE A 694 -5.12 -8.19 14.37
N ARG A 695 -4.24 -9.09 14.02
CA ARG A 695 -4.63 -10.44 13.73
C ARG A 695 -4.45 -11.25 14.96
N LEU A 696 -5.48 -11.99 15.32
CA LEU A 696 -5.39 -12.96 16.37
C LEU A 696 -5.21 -14.27 15.64
N ARG A 697 -4.17 -15.00 15.93
CA ARG A 697 -4.03 -16.27 15.26
C ARG A 697 -5.37 -17.05 15.28
N GLN A 698 -5.72 -17.63 14.15
CA GLN A 698 -6.88 -18.51 14.06
C GLN A 698 -6.66 -19.54 12.94
N LEU A 699 -7.56 -20.52 12.88
CA LEU A 699 -7.51 -21.57 11.87
C LEU A 699 -8.04 -21.06 10.52
MG MG B . -24.79 24.24 5.03
PG DTP C . -26.92 24.77 7.47
O1G DTP C . -27.35 26.22 7.30
O2G DTP C . -27.01 24.32 8.91
O3G DTP C . -25.50 24.54 7.01
PB DTP C . -27.70 23.56 5.25
O1B DTP C . -26.87 24.53 4.45
O2B DTP C . -29.12 23.52 4.76
O3B DTP C . -27.87 23.92 6.70
PA DTP C . -26.29 21.38 4.25
O1A DTP C . -27.04 21.22 2.94
O2A DTP C . -24.98 22.09 4.03
O3A DTP C . -27.14 22.15 5.27
O5' DTP C . -26.03 20.09 4.99
C5' DTP C . -25.13 20.31 6.06
C4' DTP C . -25.07 19.14 7.02
O4' DTP C . -26.39 18.87 7.43
C3' DTP C . -24.60 17.84 6.40
O3' DTP C . -23.69 17.27 7.33
C2' DTP C . -25.84 16.95 6.29
C1' DTP C . -26.81 17.52 7.31
N9 DTP C . -28.14 17.73 6.77
C8 DTP C . -28.44 18.88 6.16
N7 DTP C . -29.72 18.92 5.72
C5 DTP C . -30.22 17.77 6.04
C6 DTP C . -31.53 17.29 5.81
N6 DTP C . -32.36 18.00 5.21
N1 DTP C . -31.82 16.06 6.25
C2 DTP C . -30.89 15.24 6.89
N3 DTP C . -29.64 15.72 7.11
C4 DTP C . -29.23 16.95 6.73
#